data_6H7M
#
_entry.id   6H7M
#
_cell.length_a   116.640
_cell.length_b   121.500
_cell.length_c   130.420
_cell.angle_alpha   90.00
_cell.angle_beta   90.00
_cell.angle_gamma   90.00
#
_symmetry.space_group_name_H-M   'P 21 21 21'
#
loop_
_entity.id
_entity.type
_entity.pdbx_description
1 polymer 'Thioredoxin 1'
2 polymer 'Beta-1 adrenergic receptor'
3 polymer 'Camelid antibody fragment Nb6B9'
4 non-polymer HEGA-10
5 non-polymer SALBUTAMOL
6 non-polymer 'SODIUM ION'
7 water water
#
loop_
_entity_poly.entity_id
_entity_poly.type
_entity_poly.pdbx_seq_one_letter_code
_entity_poly.pdbx_strand_id
1 'polypeptide(L)'
;SDKIIHLTDDSFDTDVLKADGAILVDFWAEWSGPSKMIAPILDEIADEYQGKLTVAKLNIDQNPGTAPKYGIRGIPTLLL
FKNGEVAATKVGALSKGQLKEFLDANLAE
;
E,F
2 'polypeptide(L)'
;AAAKVMSLLMALVVLLIVAGNVLVIAAIGSTQRLQTLTNLFITSLACADLVVGLLVVPFGATLVVRGTWLWGSFLCELWT
SLDVLCVTASIETLCVIAIDRYLAITSPFRYQSLMTRARAKVIICTVWAISALVSFLPIMMHWWRDEDPQALKCYQDPGC
CDFVTNRAYAIASSIISFYIPLLIMIFVYLRVYREAKEQIRKIDRASKRKTSRVMAMKEHKALKTLGIIMGVFTLCWLPF
FLVNIVNVFNRDLVPDWLFVAFNWLGYANSAMNPIIYCRSPDFRKAFKRLLAFPRKADRRLHHHHHH
;
A,B
3 'polypeptide(L)'
;SQVQLQESGGGLVQAGGSLRLSCAASGSIFALNIMGWYRQAPGKQRELVAAIHSGGTTNYANSVKGRFTISRDNAANTVY
LQMNSLKPEDTAVYYCNVKDFGAIIYDYDYWGQGTQVTVSS
;
C,D
#
loop_
_chem_comp.id
_chem_comp.type
_chem_comp.name
_chem_comp.formula
2CV non-polymer HEGA-10 'C18 H37 N O7'
68H non-polymer SALBUTAMOL 'C13 H21 N O3'
NA non-polymer 'SODIUM ION' 'Na 1'
#
# COMPACT_ATOMS: atom_id res chain seq x y z
N LYS A 3 -59.96 9.35 16.50
CA LYS A 3 -59.36 8.03 16.11
C LYS A 3 -58.35 7.45 17.11
N ILE A 4 -57.87 8.25 18.06
CA ILE A 4 -56.84 7.84 19.03
C ILE A 4 -57.46 7.12 20.23
N ILE A 5 -56.86 5.99 20.62
CA ILE A 5 -57.18 5.32 21.89
C ILE A 5 -56.43 6.05 23.01
N HIS A 6 -57.14 6.32 24.09
CA HIS A 6 -56.59 7.04 25.24
C HIS A 6 -56.48 6.04 26.40
N LEU A 7 -55.27 5.52 26.60
CA LEU A 7 -55.00 4.31 27.40
C LEU A 7 -55.02 4.58 28.91
N THR A 8 -55.20 3.51 29.69
CA THR A 8 -54.95 3.51 31.14
C THR A 8 -53.84 2.48 31.48
N ASP A 9 -53.51 2.34 32.77
CA ASP A 9 -52.68 1.24 33.26
C ASP A 9 -53.37 -0.11 33.03
N ASP A 10 -54.68 -0.15 33.30
CA ASP A 10 -55.45 -1.40 33.27
C ASP A 10 -55.83 -1.84 31.86
N SER A 11 -56.29 -0.90 31.04
CA SER A 11 -56.69 -1.19 29.66
C SER A 11 -55.50 -1.48 28.71
N PHE A 12 -54.27 -1.24 29.16
CA PHE A 12 -53.05 -1.43 28.35
C PHE A 12 -52.89 -2.84 27.76
N ASP A 13 -53.21 -3.87 28.53
CA ASP A 13 -53.10 -5.25 28.05
C ASP A 13 -54.07 -5.52 26.89
N THR A 14 -55.33 -5.07 27.03
CA THR A 14 -56.37 -5.30 26.01
C THR A 14 -56.25 -4.38 24.79
N ASP A 15 -55.88 -3.12 25.03
CA ASP A 15 -55.78 -2.11 23.97
C ASP A 15 -54.49 -2.16 23.14
N VAL A 16 -53.43 -2.78 23.67
CA VAL A 16 -52.10 -2.80 23.02
C VAL A 16 -51.48 -4.22 22.86
N LEU A 17 -51.46 -5.00 23.94
CA LEU A 17 -50.81 -6.32 23.92
C LEU A 17 -51.68 -7.39 23.26
N LYS A 18 -52.99 -7.34 23.52
CA LYS A 18 -53.96 -8.20 22.83
C LYS A 18 -54.46 -7.66 21.48
N ALA A 19 -54.18 -6.39 21.17
CA ALA A 19 -54.81 -5.71 20.03
C ALA A 19 -54.28 -6.13 18.66
N ASP A 20 -55.16 -6.02 17.67
CA ASP A 20 -54.89 -6.47 16.31
C ASP A 20 -54.04 -5.46 15.56
N GLY A 21 -53.06 -5.97 14.81
CA GLY A 21 -52.23 -5.12 13.96
C GLY A 21 -51.31 -4.23 14.76
N ALA A 22 -50.85 -3.16 14.11
CA ALA A 22 -49.88 -2.24 14.70
C ALA A 22 -50.55 -1.21 15.60
N ILE A 23 -49.91 -0.92 16.73
CA ILE A 23 -50.33 0.15 17.66
C ILE A 23 -49.13 1.03 17.94
N LEU A 24 -49.25 2.35 17.72
CA LEU A 24 -48.18 3.29 18.05
C LEU A 24 -48.52 4.01 19.36
N VAL A 25 -47.79 3.67 20.43
CA VAL A 25 -48.07 4.22 21.76
C VAL A 25 -47.22 5.47 22.00
N ASP A 26 -47.87 6.58 22.39
CA ASP A 26 -47.17 7.81 22.81
C ASP A 26 -47.18 7.93 24.34
N PHE A 27 -45.98 7.92 24.93
CA PHE A 27 -45.80 8.14 26.36
C PHE A 27 -45.52 9.63 26.56
N TRP A 28 -46.54 10.34 27.05
CA TRP A 28 -46.53 11.80 27.17
C TRP A 28 -46.87 12.19 28.59
N ALA A 29 -46.56 13.43 28.95
CA ALA A 29 -46.97 14.02 30.22
C ALA A 29 -47.40 15.47 30.01
N GLU A 30 -48.26 15.97 30.90
CA GLU A 30 -48.76 17.35 30.80
C GLU A 30 -47.68 18.39 31.11
N TRP A 31 -46.73 18.03 31.98
CA TRP A 31 -45.58 18.91 32.30
C TRP A 31 -44.57 19.07 31.15
N SER A 32 -44.32 18.02 30.37
CA SER A 32 -43.27 18.03 29.34
C SER A 32 -43.67 18.82 28.10
N GLY A 33 -42.89 19.84 27.77
CA GLY A 33 -43.07 20.64 26.55
C GLY A 33 -42.80 19.89 25.25
N PRO A 34 -41.74 19.06 25.22
CA PRO A 34 -41.51 18.16 24.09
C PRO A 34 -42.62 17.11 23.84
N SER A 35 -43.28 16.64 24.90
CA SER A 35 -44.36 15.64 24.77
C SER A 35 -45.64 16.17 24.09
N LYS A 36 -45.86 17.48 24.19
CA LYS A 36 -47.00 18.16 23.58
C LYS A 36 -46.75 18.55 22.12
N MET A 37 -45.52 18.95 21.78
CA MET A 37 -45.15 19.37 20.41
C MET A 37 -45.52 18.36 19.30
N ILE A 38 -45.56 17.06 19.64
CA ILE A 38 -46.00 15.98 18.72
C ILE A 38 -47.50 15.60 18.78
N ALA A 39 -48.20 16.03 19.83
CA ALA A 39 -49.65 15.78 19.96
C ALA A 39 -50.52 16.14 18.72
N PRO A 40 -50.36 17.36 18.13
CA PRO A 40 -51.12 17.68 16.92
C PRO A 40 -50.63 16.94 15.66
N ILE A 41 -49.37 16.49 15.67
CA ILE A 41 -48.81 15.67 14.59
C ILE A 41 -49.37 14.24 14.66
N LEU A 42 -49.50 13.68 15.87
CA LEU A 42 -50.10 12.35 16.04
C LEU A 42 -51.57 12.29 15.66
N ASP A 43 -52.30 13.39 15.88
CA ASP A 43 -53.70 13.52 15.41
C ASP A 43 -53.81 13.35 13.90
N GLU A 44 -52.89 13.98 13.16
CA GLU A 44 -52.87 13.88 11.70
C GLU A 44 -52.47 12.47 11.23
N ILE A 45 -51.53 11.84 11.94
CA ILE A 45 -51.10 10.46 11.64
C ILE A 45 -52.21 9.43 11.84
N ALA A 46 -53.07 9.63 12.82
CA ALA A 46 -54.20 8.72 13.07
C ALA A 46 -55.21 8.68 11.91
N ASP A 47 -55.42 9.82 11.25
CA ASP A 47 -56.25 9.91 10.04
C ASP A 47 -55.53 9.35 8.81
N GLU A 48 -54.33 9.86 8.57
CA GLU A 48 -53.56 9.52 7.37
C GLU A 48 -53.08 8.07 7.30
N TYR A 49 -52.88 7.44 8.47
CA TYR A 49 -52.53 6.00 8.55
C TYR A 49 -53.69 5.14 9.11
N GLN A 50 -54.93 5.45 8.71
CA GLN A 50 -56.11 4.64 9.09
C GLN A 50 -56.01 3.26 8.43
N GLY A 51 -56.25 2.20 9.21
CA GLY A 51 -56.11 0.81 8.73
C GLY A 51 -54.72 0.23 8.88
N LYS A 52 -53.71 0.98 8.45
CA LYS A 52 -52.29 0.60 8.57
C LYS A 52 -51.78 0.61 10.02
N LEU A 53 -52.24 1.59 10.81
CA LEU A 53 -51.81 1.76 12.19
C LEU A 53 -52.94 2.31 13.07
N THR A 54 -52.84 2.07 14.38
CA THR A 54 -53.72 2.68 15.39
C THR A 54 -52.87 3.46 16.39
N VAL A 55 -53.09 4.78 16.45
CA VAL A 55 -52.36 5.65 17.39
C VAL A 55 -52.96 5.46 18.77
N ALA A 56 -52.10 5.36 19.79
CA ALA A 56 -52.53 5.20 21.18
C ALA A 56 -51.72 6.13 22.07
N LYS A 57 -52.34 6.65 23.13
CA LYS A 57 -51.70 7.62 24.04
C LYS A 57 -51.86 7.19 25.50
N LEU A 58 -50.81 7.38 26.29
CA LEU A 58 -50.84 7.08 27.71
C LEU A 58 -50.13 8.16 28.50
N ASN A 59 -50.89 8.78 29.42
CA ASN A 59 -50.39 9.86 30.27
C ASN A 59 -49.66 9.28 31.49
N ILE A 60 -48.36 9.60 31.64
CA ILE A 60 -47.54 9.03 32.73
C ILE A 60 -47.80 9.65 34.11
N ASP A 61 -48.37 10.86 34.12
CA ASP A 61 -48.91 11.48 35.34
C ASP A 61 -50.11 10.68 35.85
N GLN A 62 -51.04 10.37 34.94
CA GLN A 62 -52.22 9.56 35.23
C GLN A 62 -51.83 8.12 35.62
N ASN A 63 -51.08 7.47 34.73
CA ASN A 63 -50.77 6.04 34.82
C ASN A 63 -49.25 5.81 34.88
N PRO A 64 -48.65 5.96 36.09
CA PRO A 64 -47.20 5.82 36.22
C PRO A 64 -46.69 4.39 36.14
N GLY A 65 -47.57 3.40 36.33
CA GLY A 65 -47.18 1.98 36.38
C GLY A 65 -46.76 1.29 35.09
N THR A 66 -47.18 1.84 33.93
CA THR A 66 -46.85 1.22 32.64
C THR A 66 -45.42 1.52 32.18
N ALA A 67 -45.00 2.79 32.29
CA ALA A 67 -43.73 3.27 31.72
C ALA A 67 -42.43 2.59 32.23
N PRO A 68 -42.33 2.31 33.56
CA PRO A 68 -41.19 1.53 34.09
C PRO A 68 -40.96 0.17 33.41
N LYS A 69 -42.02 -0.56 33.12
CA LYS A 69 -41.92 -1.92 32.55
C LYS A 69 -41.13 -2.00 31.23
N TYR A 70 -41.28 -0.99 30.37
CA TYR A 70 -40.58 -0.95 29.08
C TYR A 70 -39.28 -0.13 29.09
N GLY A 71 -38.96 0.48 30.23
CA GLY A 71 -37.68 1.16 30.44
C GLY A 71 -37.61 2.51 29.78
N ILE A 72 -38.68 3.29 29.91
CA ILE A 72 -38.76 4.61 29.28
C ILE A 72 -37.95 5.60 30.12
N ARG A 73 -36.93 6.21 29.51
CA ARG A 73 -36.07 7.18 30.21
C ARG A 73 -36.60 8.61 30.07
N GLY A 74 -36.60 9.14 28.84
CA GLY A 74 -37.14 10.47 28.54
C GLY A 74 -38.52 10.42 27.89
N ILE A 75 -39.09 11.59 27.63
CA ILE A 75 -40.38 11.72 26.92
C ILE A 75 -40.36 12.91 25.96
N PRO A 76 -40.99 12.81 24.78
CA PRO A 76 -41.83 11.68 24.36
C PRO A 76 -41.06 10.49 23.80
N THR A 77 -41.56 9.28 24.08
CA THR A 77 -41.05 8.04 23.47
C THR A 77 -42.22 7.37 22.75
N LEU A 78 -42.01 7.09 21.45
CA LEU A 78 -43.00 6.41 20.62
C LEU A 78 -42.66 4.92 20.43
N LEU A 79 -43.40 4.03 21.09
CA LEU A 79 -43.25 2.57 20.92
C LEU A 79 -44.26 2.01 19.94
N LEU A 80 -43.76 1.51 18.81
CA LEU A 80 -44.55 0.80 17.81
C LEU A 80 -44.66 -0.66 18.23
N PHE A 81 -45.90 -1.17 18.27
CA PHE A 81 -46.21 -2.50 18.78
C PHE A 81 -46.72 -3.40 17.67
N LYS A 82 -46.28 -4.67 17.66
CA LYS A 82 -46.68 -5.67 16.65
C LYS A 82 -46.89 -7.05 17.29
N ASN A 83 -48.17 -7.40 17.51
CA ASN A 83 -48.61 -8.70 18.05
C ASN A 83 -48.10 -8.97 19.48
N GLY A 84 -48.20 -7.96 20.36
CA GLY A 84 -47.76 -8.04 21.75
C GLY A 84 -46.26 -7.89 21.99
N GLU A 85 -45.54 -7.25 21.07
CA GLU A 85 -44.10 -7.00 21.19
C GLU A 85 -43.75 -5.63 20.62
N VAL A 86 -42.71 -5.00 21.17
CA VAL A 86 -42.19 -3.73 20.64
C VAL A 86 -41.30 -4.03 19.43
N ALA A 87 -41.74 -3.63 18.24
CA ALA A 87 -40.97 -3.87 17.01
C ALA A 87 -39.88 -2.82 16.82
N ALA A 88 -40.26 -1.54 16.94
CA ALA A 88 -39.32 -0.41 16.79
C ALA A 88 -39.66 0.73 17.75
N THR A 89 -38.64 1.56 18.02
CA THR A 89 -38.73 2.65 19.01
C THR A 89 -38.19 3.95 18.42
N LYS A 90 -38.69 5.06 18.95
CA LYS A 90 -38.16 6.40 18.69
C LYS A 90 -38.30 7.23 19.95
N VAL A 91 -37.35 8.14 20.18
CA VAL A 91 -37.34 8.98 21.39
C VAL A 91 -37.04 10.44 21.05
N GLY A 92 -37.74 11.37 21.71
CA GLY A 92 -37.65 12.80 21.42
C GLY A 92 -38.70 13.29 20.43
N ALA A 93 -38.86 14.61 20.36
CA ALA A 93 -39.84 15.26 19.48
C ALA A 93 -39.38 15.29 18.02
N LEU A 94 -40.36 15.41 17.11
CA LEU A 94 -40.12 15.34 15.66
C LEU A 94 -41.11 16.17 14.87
N SER A 95 -40.79 16.36 13.59
CA SER A 95 -41.73 16.91 12.61
C SER A 95 -42.55 15.78 11.99
N LYS A 96 -43.54 16.14 11.18
CA LYS A 96 -44.44 15.17 10.52
C LYS A 96 -43.70 14.31 9.50
N GLY A 97 -42.79 14.92 8.75
CA GLY A 97 -41.99 14.23 7.73
C GLY A 97 -40.97 13.24 8.29
N GLN A 98 -40.39 13.59 9.44
CA GLN A 98 -39.49 12.69 10.19
C GLN A 98 -40.24 11.45 10.69
N LEU A 99 -41.45 11.67 11.22
CA LEU A 99 -42.30 10.59 11.73
C LEU A 99 -42.87 9.69 10.65
N LYS A 100 -43.22 10.25 9.50
CA LYS A 100 -43.71 9.45 8.38
C LYS A 100 -42.65 8.47 7.88
N GLU A 101 -41.40 8.90 7.83
CA GLU A 101 -40.29 8.02 7.40
C GLU A 101 -40.06 6.85 8.36
N PHE A 102 -40.17 7.13 9.66
CA PHE A 102 -40.11 6.08 10.69
C PHE A 102 -41.22 5.05 10.54
N LEU A 103 -42.45 5.53 10.33
CA LEU A 103 -43.62 4.67 10.16
C LEU A 103 -43.65 3.96 8.80
N ASP A 104 -43.32 4.69 7.73
CA ASP A 104 -43.18 4.12 6.37
C ASP A 104 -42.22 2.92 6.34
N ALA A 105 -41.05 3.10 6.96
CA ALA A 105 -40.01 2.05 7.01
C ALA A 105 -40.41 0.84 7.86
N ASN A 106 -40.95 1.10 9.04
CA ASN A 106 -41.32 0.04 9.98
C ASN A 106 -42.57 -0.76 9.59
N LEU A 107 -43.62 -0.09 9.06
CA LEU A 107 -44.91 -0.74 8.77
C LEU A 107 -44.90 -1.71 7.56
N ALA A 108 -44.40 -1.25 6.41
CA ALA A 108 -44.21 -2.10 5.21
C ALA A 108 -43.07 -3.12 5.45
N GLU A 109 -43.26 -3.95 6.48
CA GLU A 109 -42.22 -4.74 7.15
C GLU A 109 -40.93 -3.98 7.44
N ALA B 2 -39.93 -1.41 4.00
CA ALA B 2 -38.47 -1.02 3.90
C ALA B 2 -37.54 -2.23 3.81
N ALA B 3 -37.61 -3.14 4.79
CA ALA B 3 -36.87 -4.41 4.73
C ALA B 3 -37.39 -5.37 3.64
N LYS B 4 -38.59 -5.09 3.12
CA LYS B 4 -39.10 -5.71 1.89
C LYS B 4 -38.32 -5.26 0.65
N VAL B 5 -38.10 -3.94 0.56
CA VAL B 5 -37.44 -3.32 -0.61
C VAL B 5 -35.89 -3.38 -0.50
N MET B 6 -35.35 -3.30 0.71
CA MET B 6 -33.91 -3.50 0.94
C MET B 6 -33.43 -4.84 0.39
N SER B 7 -34.22 -5.90 0.56
CA SER B 7 -33.87 -7.25 0.08
C SER B 7 -33.93 -7.37 -1.44
N LEU B 8 -34.95 -6.78 -2.05
CA LEU B 8 -35.09 -6.75 -3.52
C LEU B 8 -33.97 -5.96 -4.20
N LEU B 9 -33.49 -4.92 -3.53
CA LEU B 9 -32.41 -4.08 -4.03
C LEU B 9 -31.09 -4.85 -4.14
N MET B 10 -30.75 -5.59 -3.08
CA MET B 10 -29.57 -6.48 -3.07
C MET B 10 -29.58 -7.48 -4.25
N ALA B 11 -30.76 -7.98 -4.58
CA ALA B 11 -30.90 -8.97 -5.64
C ALA B 11 -30.40 -8.44 -6.99
N LEU B 12 -30.85 -7.24 -7.38
CA LEU B 12 -30.45 -6.66 -8.67
C LEU B 12 -29.01 -6.17 -8.67
N VAL B 13 -28.50 -5.79 -7.49
CA VAL B 13 -27.07 -5.47 -7.35
C VAL B 13 -26.27 -6.69 -7.83
N VAL B 14 -26.59 -7.87 -7.31
CA VAL B 14 -25.94 -9.09 -7.75
C VAL B 14 -26.21 -9.38 -9.23
N LEU B 15 -27.41 -9.08 -9.70
CA LEU B 15 -27.76 -9.27 -11.11
C LEU B 15 -26.93 -8.38 -12.02
N LEU B 16 -26.81 -7.11 -11.66
CA LEU B 16 -26.04 -6.14 -12.42
C LEU B 16 -24.54 -6.45 -12.45
N ILE B 17 -24.01 -6.89 -11.30
CA ILE B 17 -22.60 -7.25 -11.21
C ILE B 17 -22.31 -8.45 -12.09
N VAL B 18 -23.04 -9.54 -11.89
CA VAL B 18 -22.74 -10.77 -12.59
C VAL B 18 -22.96 -10.56 -14.08
N ALA B 19 -24.10 -10.00 -14.45
CA ALA B 19 -24.40 -9.77 -15.88
C ALA B 19 -23.28 -8.95 -16.53
N GLY B 20 -23.04 -7.77 -15.98
CA GLY B 20 -22.07 -6.82 -16.54
C GLY B 20 -20.71 -7.45 -16.74
N ASN B 21 -20.17 -8.03 -15.67
CA ASN B 21 -18.81 -8.58 -15.73
C ASN B 21 -18.70 -9.86 -16.56
N VAL B 22 -19.76 -10.66 -16.62
CA VAL B 22 -19.78 -11.80 -17.55
C VAL B 22 -19.74 -11.30 -18.98
N LEU B 23 -20.56 -10.29 -19.25
CA LEU B 23 -20.64 -9.69 -20.58
C LEU B 23 -19.28 -9.15 -21.05
N VAL B 24 -18.53 -8.53 -20.14
CA VAL B 24 -17.22 -7.97 -20.44
C VAL B 24 -16.22 -9.08 -20.76
N ILE B 25 -16.10 -10.04 -19.85
CA ILE B 25 -15.13 -11.11 -19.99
C ILE B 25 -15.41 -11.89 -21.27
N ALA B 26 -16.70 -12.15 -21.53
CA ALA B 26 -17.14 -12.74 -22.78
C ALA B 26 -16.60 -11.97 -23.98
N ALA B 27 -16.88 -10.67 -23.99
CA ALA B 27 -16.53 -9.80 -25.10
C ALA B 27 -15.05 -9.82 -25.40
N ILE B 28 -14.23 -9.79 -24.35
CA ILE B 28 -12.79 -9.74 -24.51
C ILE B 28 -12.26 -11.07 -25.04
N GLY B 29 -12.68 -12.16 -24.41
CA GLY B 29 -12.24 -13.50 -24.83
C GLY B 29 -12.69 -13.91 -26.23
N SER B 30 -13.86 -13.41 -26.63
CA SER B 30 -14.50 -13.77 -27.89
C SER B 30 -14.21 -12.84 -29.06
N THR B 31 -13.39 -11.81 -28.87
CA THR B 31 -13.10 -10.80 -29.91
C THR B 31 -11.59 -10.52 -30.02
N GLN B 32 -11.02 -10.84 -31.17
CA GLN B 32 -9.59 -10.63 -31.47
C GLN B 32 -9.21 -9.15 -31.27
N ARG B 33 -10.10 -8.28 -31.73
CA ARG B 33 -9.92 -6.83 -31.69
C ARG B 33 -9.86 -6.22 -30.26
N LEU B 34 -10.53 -6.86 -29.29
CA LEU B 34 -10.60 -6.33 -27.91
C LEU B 34 -9.43 -6.78 -27.03
N GLN B 35 -8.58 -7.68 -27.51
CA GLN B 35 -7.50 -8.22 -26.69
C GLN B 35 -6.28 -7.32 -26.70
N THR B 36 -6.50 -6.06 -26.31
CA THR B 36 -5.44 -5.06 -26.26
C THR B 36 -4.75 -5.19 -24.91
N LEU B 37 -3.75 -4.35 -24.71
CA LEU B 37 -2.98 -4.36 -23.48
C LEU B 37 -3.80 -3.81 -22.33
N THR B 38 -4.44 -2.68 -22.53
CA THR B 38 -5.32 -2.08 -21.52
C THR B 38 -6.40 -3.06 -21.08
N ASN B 39 -7.07 -3.67 -22.05
CA ASN B 39 -8.16 -4.61 -21.75
C ASN B 39 -7.72 -5.89 -21.04
N LEU B 40 -6.42 -6.14 -21.01
CA LEU B 40 -5.85 -7.17 -20.16
C LEU B 40 -6.06 -6.82 -18.68
N PHE B 41 -5.75 -5.58 -18.32
CA PHE B 41 -6.02 -5.07 -16.96
C PHE B 41 -7.52 -5.01 -16.68
N ILE B 42 -8.32 -4.67 -17.69
CA ILE B 42 -9.78 -4.67 -17.52
C ILE B 42 -10.26 -6.10 -17.22
N THR B 43 -9.68 -7.09 -17.88
CA THR B 43 -10.02 -8.50 -17.62
C THR B 43 -9.75 -8.90 -16.17
N SER B 44 -8.63 -8.47 -15.61
CA SER B 44 -8.34 -8.66 -14.17
C SER B 44 -9.42 -8.02 -13.32
N LEU B 45 -9.75 -6.77 -13.61
CA LEU B 45 -10.76 -6.05 -12.87
C LEU B 45 -12.06 -6.83 -12.87
N ALA B 46 -12.54 -7.17 -14.07
CA ALA B 46 -13.82 -7.83 -14.22
C ALA B 46 -13.90 -9.18 -13.52
N CYS B 47 -12.77 -9.90 -13.46
CA CYS B 47 -12.69 -11.15 -12.69
C CYS B 47 -12.94 -10.90 -11.21
N ALA B 48 -12.28 -9.90 -10.65
CA ALA B 48 -12.46 -9.55 -9.25
C ALA B 48 -13.93 -9.24 -8.95
N ASP B 49 -14.51 -8.36 -9.74
CA ASP B 49 -15.89 -7.93 -9.56
C ASP B 49 -16.88 -9.08 -9.74
N LEU B 50 -16.58 -9.99 -10.66
CA LEU B 50 -17.39 -11.19 -10.86
C LEU B 50 -17.43 -12.07 -9.61
N VAL B 51 -16.28 -12.30 -8.97
CA VAL B 51 -16.23 -13.11 -7.74
C VAL B 51 -16.95 -12.37 -6.61
N VAL B 52 -16.93 -11.04 -6.63
CA VAL B 52 -17.74 -10.25 -5.72
C VAL B 52 -19.23 -10.56 -5.91
N GLY B 53 -19.70 -10.53 -7.16
CA GLY B 53 -21.09 -10.82 -7.48
C GLY B 53 -21.54 -12.25 -7.19
N LEU B 54 -20.70 -13.23 -7.49
CA LEU B 54 -21.07 -14.64 -7.31
C LEU B 54 -21.06 -15.06 -5.85
N LEU B 55 -19.95 -14.84 -5.16
CA LEU B 55 -19.77 -15.42 -3.84
C LEU B 55 -19.83 -14.39 -2.71
N VAL B 56 -19.18 -13.24 -2.87
CA VAL B 56 -19.03 -12.30 -1.77
C VAL B 56 -20.35 -11.65 -1.38
N VAL B 57 -21.02 -11.05 -2.34
CA VAL B 57 -22.25 -10.31 -2.04
C VAL B 57 -23.39 -11.25 -1.58
N PRO B 58 -23.61 -12.38 -2.28
CA PRO B 58 -24.71 -13.28 -1.89
C PRO B 58 -24.67 -13.79 -0.45
N PHE B 59 -23.53 -14.36 -0.04
CA PHE B 59 -23.34 -14.79 1.35
C PHE B 59 -23.51 -13.61 2.32
N GLY B 60 -23.06 -12.42 1.92
CA GLY B 60 -23.24 -11.22 2.71
C GLY B 60 -24.68 -10.79 2.81
N ALA B 61 -25.43 -10.97 1.71
CA ALA B 61 -26.87 -10.63 1.65
C ALA B 61 -27.69 -11.42 2.67
N THR B 62 -27.28 -12.67 2.91
CA THR B 62 -27.99 -13.54 3.84
C THR B 62 -27.80 -13.05 5.27
N LEU B 63 -26.56 -12.76 5.62
CA LEU B 63 -26.19 -12.26 6.95
C LEU B 63 -27.02 -11.03 7.40
N VAL B 64 -27.44 -10.21 6.44
CA VAL B 64 -28.36 -9.10 6.71
C VAL B 64 -29.80 -9.62 6.90
N VAL B 65 -30.24 -10.48 6.00
CA VAL B 65 -31.62 -11.02 6.02
C VAL B 65 -31.87 -11.82 7.31
N ARG B 66 -31.08 -12.86 7.54
CA ARG B 66 -31.23 -13.71 8.72
C ARG B 66 -30.82 -13.02 10.01
N GLY B 67 -29.91 -12.05 9.92
CA GLY B 67 -29.31 -11.44 11.10
C GLY B 67 -28.27 -12.33 11.79
N THR B 68 -27.88 -13.44 11.15
CA THR B 68 -26.86 -14.35 11.71
C THR B 68 -26.18 -15.17 10.60
N TRP B 69 -25.01 -15.70 10.95
CA TRP B 69 -24.18 -16.48 10.03
C TRP B 69 -24.54 -17.95 10.12
N LEU B 70 -25.05 -18.50 9.02
CA LEU B 70 -25.58 -19.87 9.02
C LEU B 70 -24.60 -20.96 8.63
N TRP B 71 -23.38 -20.61 8.20
CA TRP B 71 -22.47 -21.59 7.58
C TRP B 71 -21.18 -21.88 8.35
N GLY B 72 -21.10 -21.43 9.61
CA GLY B 72 -20.06 -21.89 10.51
C GLY B 72 -18.67 -21.33 10.32
N SER B 73 -17.94 -21.30 11.43
CA SER B 73 -16.73 -20.48 11.59
C SER B 73 -15.73 -20.53 10.44
N PHE B 74 -15.58 -21.69 9.81
CA PHE B 74 -14.62 -21.85 8.70
C PHE B 74 -15.00 -20.97 7.51
N LEU B 75 -16.23 -21.14 7.03
CA LEU B 75 -16.71 -20.35 5.92
C LEU B 75 -16.85 -18.87 6.23
N CYS B 76 -17.08 -18.50 7.49
CA CYS B 76 -17.03 -17.08 7.88
C CYS B 76 -15.66 -16.52 7.52
N GLU B 77 -14.60 -17.19 7.95
CA GLU B 77 -13.25 -16.69 7.69
C GLU B 77 -12.85 -16.77 6.20
N LEU B 78 -13.28 -17.82 5.49
CA LEU B 78 -12.94 -17.95 4.08
C LEU B 78 -13.67 -16.90 3.24
N TRP B 79 -14.96 -16.72 3.49
CA TRP B 79 -15.75 -15.66 2.86
C TRP B 79 -15.20 -14.27 3.13
N THR B 80 -14.78 -14.03 4.36
CA THR B 80 -14.16 -12.77 4.73
C THR B 80 -12.88 -12.55 3.93
N SER B 81 -12.04 -13.57 3.83
CA SER B 81 -10.82 -13.48 3.01
C SER B 81 -11.15 -13.20 1.55
N LEU B 82 -12.06 -14.00 1.00
CA LEU B 82 -12.52 -13.85 -0.39
C LEU B 82 -13.05 -12.44 -0.66
N ASP B 83 -13.73 -11.86 0.33
CA ASP B 83 -14.22 -10.49 0.23
C ASP B 83 -13.06 -9.52 0.14
N VAL B 84 -12.18 -9.54 1.15
CA VAL B 84 -11.06 -8.61 1.20
C VAL B 84 -10.15 -8.76 -0.03
N LEU B 85 -9.89 -10.01 -0.42
CA LEU B 85 -9.09 -10.29 -1.61
C LEU B 85 -9.67 -9.65 -2.86
N CYS B 86 -10.95 -9.84 -3.09
CA CYS B 86 -11.57 -9.35 -4.34
C CYS B 86 -11.74 -7.83 -4.36
N VAL B 87 -11.93 -7.23 -3.19
CA VAL B 87 -11.99 -5.77 -3.10
C VAL B 87 -10.61 -5.18 -3.35
N THR B 88 -9.60 -5.76 -2.70
CA THR B 88 -8.22 -5.30 -2.88
C THR B 88 -7.79 -5.42 -4.35
N ALA B 89 -8.11 -6.53 -5.00
CA ALA B 89 -7.74 -6.72 -6.41
C ALA B 89 -8.46 -5.71 -7.30
N SER B 90 -9.75 -5.54 -7.07
CA SER B 90 -10.56 -4.59 -7.83
C SER B 90 -9.95 -3.19 -7.76
N ILE B 91 -9.74 -2.68 -6.56
CA ILE B 91 -9.33 -1.28 -6.38
C ILE B 91 -7.90 -1.07 -6.87
N GLU B 92 -6.99 -1.97 -6.49
CA GLU B 92 -5.62 -1.89 -6.98
C GLU B 92 -5.53 -1.99 -8.49
N THR B 93 -6.46 -2.73 -9.13
CA THR B 93 -6.49 -2.84 -10.59
C THR B 93 -6.99 -1.53 -11.23
N LEU B 94 -7.95 -0.83 -10.60
CA LEU B 94 -8.37 0.50 -11.09
C LEU B 94 -7.21 1.48 -11.13
N CYS B 95 -6.39 1.39 -10.09
CA CYS B 95 -5.17 2.16 -9.94
C CYS B 95 -4.13 1.85 -11.04
N VAL B 96 -3.96 0.58 -11.39
CA VAL B 96 -3.06 0.20 -12.48
C VAL B 96 -3.55 0.72 -13.83
N ILE B 97 -4.86 0.66 -14.04
CA ILE B 97 -5.49 1.20 -15.25
C ILE B 97 -5.23 2.70 -15.38
N ALA B 98 -5.46 3.46 -14.31
CA ALA B 98 -5.15 4.89 -14.33
C ALA B 98 -3.76 5.13 -14.82
N ILE B 99 -2.79 4.43 -14.23
CA ILE B 99 -1.39 4.57 -14.62
C ILE B 99 -1.21 4.27 -16.09
N ASP B 100 -1.69 3.09 -16.50
CA ASP B 100 -1.59 2.63 -17.89
C ASP B 100 -2.10 3.69 -18.89
N ARG B 101 -3.33 4.17 -18.69
CA ARG B 101 -3.94 5.18 -19.58
C ARG B 101 -3.15 6.48 -19.60
N TYR B 102 -2.73 6.93 -18.43
CA TYR B 102 -1.86 8.10 -18.34
C TYR B 102 -0.60 7.95 -19.20
N LEU B 103 0.07 6.81 -19.12
CA LEU B 103 1.22 6.57 -19.99
C LEU B 103 0.88 6.53 -21.48
N ALA B 104 -0.20 5.83 -21.83
CA ALA B 104 -0.58 5.66 -23.24
C ALA B 104 -1.13 6.93 -23.90
N ILE B 105 -1.63 7.84 -23.07
CA ILE B 105 -2.07 9.15 -23.53
C ILE B 105 -0.91 10.13 -23.68
N THR B 106 0.00 10.15 -22.71
CA THR B 106 1.01 11.21 -22.62
C THR B 106 2.41 10.82 -23.08
N SER B 107 2.74 9.54 -23.07
CA SER B 107 4.06 9.05 -23.53
C SER B 107 3.86 7.78 -24.35
N PRO B 108 2.99 7.83 -25.37
CA PRO B 108 2.50 6.63 -26.06
C PRO B 108 3.61 5.78 -26.68
N PHE B 109 4.67 6.42 -27.15
CA PHE B 109 5.74 5.72 -27.86
C PHE B 109 6.69 5.03 -26.88
N ARG B 110 7.04 5.75 -25.81
CA ARG B 110 7.76 5.13 -24.70
C ARG B 110 6.98 3.95 -24.11
N TYR B 111 5.69 4.18 -23.84
CA TYR B 111 4.80 3.17 -23.25
C TYR B 111 4.75 1.86 -24.04
N GLN B 112 4.76 1.91 -25.37
CA GLN B 112 4.67 0.69 -26.20
C GLN B 112 5.86 -0.25 -26.00
N SER B 113 7.05 0.32 -25.93
CA SER B 113 8.28 -0.44 -25.71
C SER B 113 8.38 -0.87 -24.24
N LEU B 114 8.22 0.08 -23.32
CA LEU B 114 8.26 -0.19 -21.87
C LEU B 114 7.26 -1.28 -21.48
N MET B 115 5.98 -1.05 -21.72
CA MET B 115 4.91 -1.96 -21.31
C MET B 115 4.69 -3.08 -22.30
N THR B 116 5.37 -4.20 -22.10
CA THR B 116 5.13 -5.40 -22.90
C THR B 116 3.90 -6.12 -22.34
N ARG B 117 3.47 -7.18 -23.02
CA ARG B 117 2.35 -7.99 -22.53
C ARG B 117 2.77 -8.84 -21.34
N ALA B 118 4.00 -9.35 -21.38
CA ALA B 118 4.54 -10.14 -20.28
C ALA B 118 4.76 -9.29 -19.03
N ARG B 119 5.16 -8.03 -19.21
CA ARG B 119 5.29 -7.09 -18.09
C ARG B 119 3.94 -6.80 -17.45
N ALA B 120 2.91 -6.63 -18.27
CA ALA B 120 1.55 -6.48 -17.78
C ALA B 120 1.11 -7.67 -16.92
N LYS B 121 1.40 -8.90 -17.35
CA LYS B 121 1.07 -10.11 -16.58
C LYS B 121 1.69 -10.10 -15.19
N VAL B 122 2.92 -9.61 -15.09
CA VAL B 122 3.58 -9.56 -13.82
C VAL B 122 2.87 -8.56 -12.92
N ILE B 123 2.58 -7.37 -13.48
CA ILE B 123 1.84 -6.34 -12.74
C ILE B 123 0.52 -6.93 -12.21
N ILE B 124 -0.22 -7.62 -13.09
CA ILE B 124 -1.51 -8.20 -12.73
C ILE B 124 -1.34 -9.25 -11.63
N CYS B 125 -0.38 -10.14 -11.80
CA CYS B 125 -0.11 -11.20 -10.83
C CYS B 125 0.33 -10.64 -9.48
N THR B 126 1.16 -9.60 -9.52
CA THR B 126 1.55 -8.83 -8.33
C THR B 126 0.33 -8.38 -7.56
N VAL B 127 -0.59 -7.74 -8.26
CA VAL B 127 -1.81 -7.20 -7.65
C VAL B 127 -2.60 -8.27 -6.91
N TRP B 128 -2.78 -9.43 -7.51
CA TRP B 128 -3.46 -10.54 -6.83
C TRP B 128 -2.64 -11.13 -5.68
N ALA B 129 -1.32 -11.19 -5.82
CA ALA B 129 -0.45 -11.65 -4.70
C ALA B 129 -0.60 -10.76 -3.49
N ILE B 130 -0.56 -9.44 -3.70
CA ILE B 130 -0.75 -8.47 -2.62
C ILE B 130 -2.14 -8.61 -2.02
N SER B 131 -3.15 -8.72 -2.87
CA SER B 131 -4.52 -8.93 -2.43
C SER B 131 -4.69 -10.18 -1.58
N ALA B 132 -4.03 -11.26 -1.96
CA ALA B 132 -4.01 -12.51 -1.18
C ALA B 132 -3.33 -12.33 0.16
N LEU B 133 -2.15 -11.70 0.12
CA LEU B 133 -1.35 -11.56 1.33
C LEU B 133 -1.91 -10.60 2.36
N VAL B 134 -2.83 -9.73 1.97
CA VAL B 134 -3.53 -8.85 2.93
C VAL B 134 -4.80 -9.49 3.44
N SER B 135 -5.43 -10.34 2.62
CA SER B 135 -6.65 -11.02 3.02
C SER B 135 -6.35 -12.39 3.61
N PHE B 136 -6.04 -13.36 2.74
CA PHE B 136 -6.03 -14.76 3.14
C PHE B 136 -5.02 -15.09 4.20
N LEU B 137 -3.80 -14.58 4.03
CA LEU B 137 -2.74 -14.88 4.99
C LEU B 137 -3.05 -14.35 6.40
N PRO B 138 -3.39 -13.05 6.56
CA PRO B 138 -3.79 -12.60 7.90
C PRO B 138 -5.05 -13.27 8.44
N ILE B 139 -6.09 -13.36 7.60
CA ILE B 139 -7.41 -13.74 8.07
C ILE B 139 -7.47 -15.21 8.48
N MET B 140 -6.93 -16.09 7.63
CA MET B 140 -6.87 -17.52 7.94
C MET B 140 -5.91 -17.82 9.10
N MET B 141 -4.84 -17.02 9.24
CA MET B 141 -3.88 -17.22 10.34
C MET B 141 -4.18 -16.42 11.61
N HIS B 142 -5.33 -15.76 11.66
CA HIS B 142 -5.81 -15.06 12.86
C HIS B 142 -4.98 -13.83 13.28
N TRP B 143 -4.19 -13.26 12.37
CA TRP B 143 -3.39 -12.08 12.71
C TRP B 143 -4.27 -10.84 12.90
N TRP B 144 -5.41 -10.85 12.23
CA TRP B 144 -6.43 -9.80 12.34
C TRP B 144 -7.13 -9.62 13.70
N ARG B 145 -7.08 -10.65 14.56
CA ARG B 145 -7.93 -10.75 15.75
C ARG B 145 -7.63 -9.67 16.81
N ASP B 146 -8.70 -9.08 17.35
CA ASP B 146 -8.61 -8.19 18.52
C ASP B 146 -8.48 -9.05 19.78
N GLU B 147 -7.89 -8.48 20.83
CA GLU B 147 -7.69 -9.18 22.13
C GLU B 147 -8.87 -9.02 23.13
N ASP B 148 -9.78 -8.09 22.83
CA ASP B 148 -10.96 -7.78 23.66
C ASP B 148 -11.76 -9.04 24.11
N PRO B 149 -12.48 -8.95 25.26
CA PRO B 149 -13.38 -10.08 25.61
C PRO B 149 -14.61 -10.19 24.69
N GLN B 150 -15.30 -9.06 24.49
CA GLN B 150 -16.51 -9.02 23.64
C GLN B 150 -16.24 -9.39 22.17
N ALA B 151 -15.03 -9.06 21.69
CA ALA B 151 -14.53 -9.53 20.39
C ALA B 151 -14.32 -11.05 20.37
N LEU B 152 -13.76 -11.58 21.46
CA LEU B 152 -13.53 -13.03 21.59
C LEU B 152 -14.83 -13.86 21.73
N LYS B 153 -15.94 -13.21 22.10
CA LYS B 153 -17.27 -13.86 22.11
C LYS B 153 -17.76 -14.21 20.70
N CYS B 154 -17.62 -13.26 19.77
CA CYS B 154 -18.01 -13.45 18.35
C CYS B 154 -17.08 -14.42 17.56
N TYR B 155 -15.84 -14.53 18.02
CA TYR B 155 -14.89 -15.46 17.43
C TYR B 155 -15.25 -16.90 17.81
N GLN B 156 -15.75 -17.11 19.03
CA GLN B 156 -16.17 -18.44 19.49
C GLN B 156 -17.59 -18.85 19.06
N ASP B 157 -18.49 -17.87 18.94
CA ASP B 157 -19.83 -18.09 18.37
C ASP B 157 -19.76 -18.30 16.82
N PRO B 158 -20.22 -19.47 16.31
CA PRO B 158 -20.25 -19.68 14.85
C PRO B 158 -21.40 -18.94 14.14
N GLY B 159 -22.41 -18.53 14.89
CA GLY B 159 -23.48 -17.67 14.39
C GLY B 159 -23.08 -16.22 14.19
N CYS B 160 -21.97 -15.81 14.81
CA CYS B 160 -21.46 -14.46 14.67
C CYS B 160 -20.29 -14.46 13.69
N CYS B 161 -20.40 -13.58 12.69
CA CYS B 161 -19.38 -13.35 11.68
C CYS B 161 -19.16 -11.83 11.49
N ASP B 162 -19.03 -11.11 12.61
CA ASP B 162 -18.58 -9.73 12.57
C ASP B 162 -17.09 -9.74 12.24
N PHE B 163 -16.67 -8.68 11.56
CA PHE B 163 -15.30 -8.48 11.16
C PHE B 163 -14.77 -7.40 12.09
N VAL B 164 -14.37 -7.85 13.27
CA VAL B 164 -13.73 -7.00 14.27
C VAL B 164 -12.24 -7.30 14.19
N THR B 165 -11.48 -6.28 13.83
CA THR B 165 -10.03 -6.38 13.65
C THR B 165 -9.33 -5.57 14.70
N ASN B 166 -8.05 -5.86 14.90
CA ASN B 166 -7.21 -5.02 15.76
C ASN B 166 -6.92 -3.63 15.11
N ARG B 167 -6.11 -2.81 15.77
CA ARG B 167 -5.76 -1.50 15.23
C ARG B 167 -4.92 -1.64 13.94
N ALA B 168 -3.79 -2.35 14.07
CA ALA B 168 -2.78 -2.49 13.00
C ALA B 168 -3.36 -2.99 11.69
N TYR B 169 -4.13 -4.07 11.74
CA TYR B 169 -4.68 -4.67 10.53
C TYR B 169 -5.62 -3.72 9.82
N ALA B 170 -6.54 -3.10 10.55
CA ALA B 170 -7.50 -2.20 9.91
C ALA B 170 -6.84 -0.97 9.26
N ILE B 171 -5.73 -0.51 9.84
CA ILE B 171 -4.95 0.57 9.26
C ILE B 171 -4.26 0.09 7.98
N ALA B 172 -3.47 -0.97 8.12
CA ALA B 172 -2.72 -1.57 7.00
C ALA B 172 -3.60 -2.03 5.83
N SER B 173 -4.63 -2.81 6.15
CA SER B 173 -5.57 -3.30 5.16
C SER B 173 -6.29 -2.16 4.42
N SER B 174 -6.63 -1.09 5.13
CA SER B 174 -7.29 0.05 4.50
C SER B 174 -6.36 0.82 3.59
N ILE B 175 -5.14 1.08 4.07
CA ILE B 175 -4.11 1.76 3.28
C ILE B 175 -3.81 0.97 1.98
N ILE B 176 -3.56 -0.33 2.14
CA ILE B 176 -3.20 -1.18 1.01
C ILE B 176 -4.37 -1.38 0.02
N SER B 177 -5.57 -1.61 0.53
CA SER B 177 -6.72 -1.86 -0.35
C SER B 177 -7.33 -0.61 -0.97
N PHE B 178 -7.20 0.56 -0.33
CA PHE B 178 -7.93 1.76 -0.76
C PHE B 178 -7.12 3.05 -0.87
N TYR B 179 -6.45 3.45 0.22
CA TYR B 179 -5.86 4.79 0.30
C TYR B 179 -4.65 5.03 -0.62
N ILE B 180 -3.68 4.12 -0.61
CA ILE B 180 -2.58 4.18 -1.58
C ILE B 180 -3.10 4.23 -3.03
N PRO B 181 -3.98 3.28 -3.42
CA PRO B 181 -4.62 3.38 -4.74
C PRO B 181 -5.35 4.70 -5.03
N LEU B 182 -6.06 5.24 -4.03
CA LEU B 182 -6.75 6.51 -4.23
C LEU B 182 -5.78 7.66 -4.46
N LEU B 183 -4.67 7.68 -3.73
CA LEU B 183 -3.67 8.72 -3.95
C LEU B 183 -3.05 8.60 -5.34
N ILE B 184 -2.64 7.40 -5.71
CA ILE B 184 -2.07 7.17 -7.04
C ILE B 184 -3.07 7.65 -8.12
N MET B 185 -4.29 7.18 -8.04
CA MET B 185 -5.33 7.58 -8.99
C MET B 185 -5.55 9.09 -9.08
N ILE B 186 -5.38 9.81 -7.98
CA ILE B 186 -5.46 11.28 -7.99
C ILE B 186 -4.24 11.84 -8.72
N PHE B 187 -3.06 11.53 -8.20
CA PHE B 187 -1.79 12.00 -8.77
C PHE B 187 -1.75 11.82 -10.28
N VAL B 188 -2.02 10.60 -10.70
CA VAL B 188 -1.92 10.20 -12.10
C VAL B 188 -2.91 10.94 -12.97
N TYR B 189 -4.20 10.85 -12.64
CA TYR B 189 -5.23 11.56 -13.43
C TYR B 189 -5.13 13.06 -13.32
N LEU B 190 -4.47 13.57 -12.27
CA LEU B 190 -4.16 14.99 -12.21
C LEU B 190 -3.13 15.36 -13.28
N ARG B 191 -2.07 14.56 -13.42
CA ARG B 191 -1.10 14.79 -14.49
C ARG B 191 -1.65 14.62 -15.92
N VAL B 192 -2.80 13.96 -16.09
CA VAL B 192 -3.52 13.97 -17.38
C VAL B 192 -4.18 15.33 -17.58
N TYR B 193 -4.86 15.83 -16.56
CA TYR B 193 -5.44 17.18 -16.63
C TYR B 193 -4.35 18.21 -16.85
N ARG B 194 -3.30 18.14 -16.04
CA ARG B 194 -2.18 19.08 -16.14
C ARG B 194 -1.51 19.04 -17.52
N GLU B 195 -1.34 17.86 -18.10
CA GLU B 195 -0.70 17.73 -19.40
C GLU B 195 -1.55 18.37 -20.50
N ALA B 196 -2.85 18.12 -20.44
CA ALA B 196 -3.80 18.64 -21.43
C ALA B 196 -3.95 20.17 -21.35
N LYS B 197 -3.83 20.73 -20.14
CA LYS B 197 -3.89 22.17 -19.98
C LYS B 197 -2.61 22.86 -20.47
N GLU B 198 -1.44 22.29 -20.13
CA GLU B 198 -0.16 22.83 -20.62
C GLU B 198 -0.05 22.73 -22.13
N GLN B 199 -0.64 21.69 -22.72
CA GLN B 199 -0.67 21.55 -24.17
C GLN B 199 -1.50 22.64 -24.83
N ILE B 200 -2.62 23.04 -24.22
CA ILE B 200 -3.44 24.12 -24.74
C ILE B 200 -2.73 25.48 -24.62
N ARG B 201 -1.87 25.62 -23.61
CA ARG B 201 -1.03 26.81 -23.51
C ARG B 201 -0.05 26.90 -24.70
N LYS B 202 0.61 25.78 -25.04
CA LYS B 202 1.54 25.75 -26.18
C LYS B 202 0.86 26.07 -27.53
N ILE B 203 -0.45 25.79 -27.62
CA ILE B 203 -1.27 26.13 -28.81
C ILE B 203 -1.60 27.62 -28.91
N ASP B 204 -1.84 28.28 -27.78
CA ASP B 204 -2.12 29.72 -27.75
C ASP B 204 -0.87 30.56 -27.93
N ARG B 205 0.24 30.10 -27.35
CA ARG B 205 1.58 30.67 -27.60
C ARG B 205 2.00 30.57 -29.07
N ALA B 206 1.59 29.49 -29.74
CA ALA B 206 1.84 29.30 -31.16
C ALA B 206 1.20 30.35 -32.05
N SER B 207 0.01 30.80 -31.68
CA SER B 207 -0.80 31.68 -32.52
C SER B 207 -0.28 33.12 -32.71
N LYS B 208 0.73 33.54 -31.94
CA LYS B 208 1.23 34.93 -31.96
C LYS B 208 0.09 35.91 -31.65
N ARG B 209 -0.66 35.60 -30.59
CA ARG B 209 -1.78 36.41 -30.13
C ARG B 209 -2.91 36.55 -31.17
N LYS B 210 -3.16 35.49 -31.95
CA LYS B 210 -4.25 35.50 -32.95
C LYS B 210 -5.53 34.87 -32.43
N THR B 211 -5.41 33.76 -31.70
CA THR B 211 -6.56 33.10 -31.02
C THR B 211 -6.23 32.72 -29.59
N SER B 212 -7.28 32.64 -28.78
CA SER B 212 -7.25 32.05 -27.46
C SER B 212 -8.20 30.87 -27.50
N ARG B 213 -7.72 29.70 -27.11
CA ARG B 213 -8.50 28.47 -27.22
C ARG B 213 -9.53 28.37 -26.10
N VAL B 214 -10.64 27.69 -26.38
CA VAL B 214 -11.68 27.41 -25.37
C VAL B 214 -11.98 25.92 -25.37
N MET B 215 -12.48 25.43 -24.23
CA MET B 215 -12.91 24.03 -24.09
C MET B 215 -13.98 23.65 -25.10
N ALA B 216 -13.60 22.83 -26.08
CA ALA B 216 -14.52 22.31 -27.09
C ALA B 216 -15.22 21.04 -26.61
N MET B 217 -16.06 20.45 -27.48
CA MET B 217 -16.80 19.21 -27.19
C MET B 217 -15.90 18.12 -26.59
N LYS B 218 -14.77 17.86 -27.24
CA LYS B 218 -13.82 16.82 -26.80
C LYS B 218 -13.26 17.06 -25.39
N GLU B 219 -12.97 18.32 -25.07
CA GLU B 219 -12.39 18.67 -23.77
C GLU B 219 -13.39 18.58 -22.62
N HIS B 220 -14.64 19.02 -22.83
CA HIS B 220 -15.69 18.86 -21.81
C HIS B 220 -16.01 17.39 -21.54
N LYS B 221 -16.05 16.59 -22.60
CA LYS B 221 -16.32 15.16 -22.51
C LYS B 221 -15.20 14.41 -21.78
N ALA B 222 -13.95 14.82 -22.01
CA ALA B 222 -12.78 14.23 -21.32
C ALA B 222 -12.75 14.56 -19.84
N LEU B 223 -13.24 15.74 -19.51
CA LEU B 223 -13.31 16.18 -18.12
C LEU B 223 -14.45 15.48 -17.38
N LYS B 224 -15.58 15.28 -18.07
CA LYS B 224 -16.71 14.50 -17.54
C LYS B 224 -16.27 13.05 -17.22
N THR B 225 -15.53 12.44 -18.13
CA THR B 225 -15.03 11.06 -17.97
C THR B 225 -14.13 10.93 -16.75
N LEU B 226 -13.15 11.82 -16.69
CA LEU B 226 -12.21 11.90 -15.59
C LEU B 226 -12.93 12.08 -14.23
N GLY B 227 -14.03 12.85 -14.25
CA GLY B 227 -14.87 13.04 -13.09
C GLY B 227 -15.63 11.79 -12.69
N ILE B 228 -16.26 11.13 -13.66
CA ILE B 228 -16.96 9.87 -13.42
C ILE B 228 -16.04 8.83 -12.79
N ILE B 229 -14.83 8.70 -13.34
CA ILE B 229 -13.86 7.71 -12.87
C ILE B 229 -13.55 7.95 -11.39
N MET B 230 -13.13 9.17 -11.07
CA MET B 230 -12.77 9.55 -9.71
C MET B 230 -13.96 9.70 -8.78
N GLY B 231 -15.09 10.17 -9.32
CA GLY B 231 -16.29 10.37 -8.53
C GLY B 231 -16.94 9.09 -8.04
N VAL B 232 -17.25 8.20 -8.99
CA VAL B 232 -17.92 6.93 -8.70
C VAL B 232 -17.05 6.08 -7.77
N PHE B 233 -15.77 5.90 -8.11
CA PHE B 233 -14.85 5.16 -7.23
C PHE B 233 -14.83 5.74 -5.83
N THR B 234 -14.70 7.07 -5.72
CA THR B 234 -14.60 7.74 -4.42
C THR B 234 -15.90 7.66 -3.63
N LEU B 235 -17.00 8.06 -4.28
CA LEU B 235 -18.34 7.89 -3.72
C LEU B 235 -18.51 6.48 -3.15
N CYS B 236 -18.24 5.46 -3.96
CA CYS B 236 -18.51 4.07 -3.57
C CYS B 236 -17.69 3.51 -2.40
N TRP B 237 -16.40 3.88 -2.34
CA TRP B 237 -15.50 3.29 -1.34
C TRP B 237 -14.99 4.23 -0.26
N LEU B 238 -14.95 5.54 -0.49
CA LEU B 238 -14.44 6.47 0.54
C LEU B 238 -15.23 6.48 1.85
N PRO B 239 -16.58 6.44 1.78
CA PRO B 239 -17.36 6.36 3.02
C PRO B 239 -16.99 5.18 3.89
N PHE B 240 -17.03 3.97 3.33
CA PHE B 240 -16.69 2.75 4.06
C PHE B 240 -15.28 2.78 4.65
N PHE B 241 -14.32 3.23 3.85
CA PHE B 241 -12.91 3.19 4.27
C PHE B 241 -12.52 4.33 5.21
N LEU B 242 -13.31 5.40 5.21
CA LEU B 242 -13.20 6.43 6.25
C LEU B 242 -13.67 5.83 7.58
N VAL B 243 -14.88 5.30 7.56
CA VAL B 243 -15.53 4.74 8.73
C VAL B 243 -14.73 3.57 9.31
N ASN B 244 -14.13 2.76 8.45
CA ASN B 244 -13.30 1.64 8.90
C ASN B 244 -12.10 2.11 9.75
N ILE B 245 -11.51 3.25 9.40
CA ILE B 245 -10.43 3.86 10.19
C ILE B 245 -10.97 4.55 11.46
N VAL B 246 -12.18 5.10 11.39
CA VAL B 246 -12.85 5.69 12.55
C VAL B 246 -13.03 4.65 13.67
N ASN B 247 -13.62 3.51 13.34
CA ASN B 247 -13.82 2.40 14.30
C ASN B 247 -12.56 1.92 15.06
N VAL B 248 -11.40 2.09 14.45
CA VAL B 248 -10.11 1.83 15.10
C VAL B 248 -9.82 2.75 16.30
N PHE B 249 -10.45 3.92 16.34
CA PHE B 249 -10.30 4.85 17.48
C PHE B 249 -11.53 4.78 18.41
N ASN B 250 -12.64 5.43 18.05
CA ASN B 250 -13.84 5.49 18.90
C ASN B 250 -14.95 4.67 18.25
N ARG B 251 -14.97 3.36 18.53
CA ARG B 251 -15.89 2.43 17.83
C ARG B 251 -17.40 2.68 18.06
N ASP B 252 -17.75 3.36 19.16
CA ASP B 252 -19.15 3.68 19.45
C ASP B 252 -19.68 4.80 18.55
N LEU B 253 -18.77 5.66 18.06
CA LEU B 253 -19.14 6.88 17.33
C LEU B 253 -20.04 6.63 16.11
N VAL B 254 -19.67 5.67 15.27
CA VAL B 254 -20.42 5.38 14.04
C VAL B 254 -21.24 4.10 14.21
N PRO B 255 -22.56 4.16 13.88
CA PRO B 255 -23.41 2.97 14.00
C PRO B 255 -23.00 1.78 13.13
N ASP B 256 -23.40 0.58 13.55
CA ASP B 256 -23.10 -0.65 12.82
C ASP B 256 -23.92 -0.78 11.53
N TRP B 257 -25.19 -0.39 11.57
CA TRP B 257 -26.03 -0.42 10.35
C TRP B 257 -25.46 0.46 9.22
N LEU B 258 -24.83 1.60 9.56
CA LEU B 258 -24.24 2.51 8.57
C LEU B 258 -22.93 1.97 8.02
N PHE B 259 -22.09 1.46 8.91
CA PHE B 259 -20.87 0.75 8.52
C PHE B 259 -21.14 -0.31 7.46
N VAL B 260 -22.18 -1.10 7.66
CA VAL B 260 -22.59 -2.12 6.69
C VAL B 260 -23.19 -1.48 5.44
N ALA B 261 -24.06 -0.49 5.61
CA ALA B 261 -24.66 0.20 4.46
C ALA B 261 -23.62 0.71 3.47
N PHE B 262 -22.52 1.26 4.00
CA PHE B 262 -21.39 1.73 3.18
C PHE B 262 -20.56 0.62 2.52
N ASN B 263 -20.44 -0.52 3.19
CA ASN B 263 -19.84 -1.71 2.56
C ASN B 263 -20.63 -2.16 1.35
N TRP B 264 -21.95 -1.96 1.36
CA TRP B 264 -22.78 -2.27 0.20
C TRP B 264 -22.60 -1.27 -0.92
N LEU B 265 -22.43 -0.01 -0.57
CA LEU B 265 -22.09 1.00 -1.56
C LEU B 265 -20.80 0.62 -2.32
N GLY B 266 -19.79 0.13 -1.59
CA GLY B 266 -18.54 -0.37 -2.17
C GLY B 266 -18.70 -1.56 -3.10
N TYR B 267 -19.56 -2.51 -2.71
CA TYR B 267 -19.85 -3.64 -3.60
C TYR B 267 -20.49 -3.15 -4.90
N ALA B 268 -21.32 -2.10 -4.80
CA ALA B 268 -22.00 -1.55 -5.97
C ALA B 268 -21.04 -1.02 -7.05
N ASN B 269 -19.89 -0.49 -6.63
CA ASN B 269 -18.80 -0.10 -7.56
C ASN B 269 -18.56 -1.21 -8.60
N SER B 270 -18.49 -2.45 -8.13
CA SER B 270 -18.28 -3.62 -9.00
C SER B 270 -19.31 -3.79 -10.14
N ALA B 271 -20.51 -3.24 -9.97
CA ALA B 271 -21.50 -3.14 -11.05
C ALA B 271 -21.26 -1.93 -11.94
N MET B 272 -20.71 -0.86 -11.36
CA MET B 272 -20.38 0.36 -12.10
C MET B 272 -19.17 0.22 -13.04
N ASN B 273 -18.17 -0.56 -12.64
CA ASN B 273 -16.93 -0.64 -13.42
C ASN B 273 -17.10 -1.11 -14.88
N PRO B 274 -17.96 -2.12 -15.12
CA PRO B 274 -18.29 -2.45 -16.52
C PRO B 274 -18.79 -1.26 -17.34
N ILE B 275 -19.62 -0.43 -16.73
CA ILE B 275 -20.22 0.74 -17.38
C ILE B 275 -19.17 1.82 -17.62
N ILE B 276 -18.27 2.04 -16.67
CA ILE B 276 -17.26 3.10 -16.80
C ILE B 276 -16.16 2.73 -17.80
N TYR B 277 -15.63 1.53 -17.68
CA TYR B 277 -14.39 1.17 -18.37
C TYR B 277 -14.55 0.37 -19.68
N CYS B 278 -15.77 0.13 -20.15
CA CYS B 278 -15.96 -0.66 -21.38
C CYS B 278 -16.94 -0.02 -22.34
N ARG B 279 -16.72 1.26 -22.64
CA ARG B 279 -17.59 2.01 -23.56
C ARG B 279 -17.02 2.10 -24.99
N SER B 280 -15.88 1.48 -25.26
CA SER B 280 -15.21 1.63 -26.54
C SER B 280 -16.11 1.13 -27.68
N PRO B 281 -15.98 1.72 -28.88
CA PRO B 281 -16.76 1.26 -30.02
C PRO B 281 -16.63 -0.24 -30.25
N ASP B 282 -15.45 -0.78 -30.01
CA ASP B 282 -15.22 -2.22 -30.12
C ASP B 282 -15.97 -3.04 -29.05
N PHE B 283 -16.09 -2.52 -27.83
CA PHE B 283 -16.93 -3.16 -26.80
C PHE B 283 -18.41 -3.11 -27.19
N ARG B 284 -18.88 -1.94 -27.65
CA ARG B 284 -20.27 -1.77 -28.06
C ARG B 284 -20.66 -2.78 -29.13
N LYS B 285 -19.78 -2.97 -30.12
CA LYS B 285 -20.00 -3.97 -31.18
C LYS B 285 -20.07 -5.40 -30.64
N ALA B 286 -19.12 -5.75 -29.77
CA ALA B 286 -19.10 -7.07 -29.15
C ALA B 286 -20.37 -7.32 -28.33
N PHE B 287 -20.79 -6.35 -27.51
CA PHE B 287 -21.98 -6.53 -26.67
C PHE B 287 -23.23 -6.85 -27.49
N LYS B 288 -23.40 -6.17 -28.63
CA LYS B 288 -24.55 -6.44 -29.51
C LYS B 288 -24.44 -7.80 -30.18
N ARG B 289 -23.23 -8.18 -30.58
CA ARG B 289 -22.99 -9.52 -31.12
C ARG B 289 -23.23 -10.61 -30.06
N LEU B 290 -22.84 -10.34 -28.82
CA LEU B 290 -23.03 -11.29 -27.71
C LEU B 290 -24.48 -11.43 -27.26
N LEU B 291 -25.30 -10.41 -27.51
CA LEU B 291 -26.74 -10.46 -27.24
C LEU B 291 -27.50 -10.72 -28.55
N ALA B 292 -27.15 -11.87 -29.16
CA ALA B 292 -27.57 -12.42 -30.48
C ALA B 292 -27.75 -11.42 -31.63
N GLN C 2 -18.11 18.09 -37.14
CA GLN C 2 -17.53 16.81 -37.65
C GLN C 2 -16.02 16.96 -37.92
N VAL C 3 -15.24 15.93 -37.57
CA VAL C 3 -13.78 15.91 -37.86
C VAL C 3 -13.54 15.40 -39.28
N GLN C 4 -12.68 16.09 -40.03
CA GLN C 4 -12.24 15.60 -41.35
C GLN C 4 -10.78 15.92 -41.64
N LEU C 5 -10.10 14.98 -42.29
CA LEU C 5 -8.65 15.04 -42.58
C LEU C 5 -8.42 15.27 -44.07
N GLN C 6 -7.79 16.40 -44.42
CA GLN C 6 -7.63 16.83 -45.81
C GLN C 6 -6.19 16.65 -46.28
N GLU C 7 -5.96 15.64 -47.12
CA GLU C 7 -4.62 15.25 -47.54
C GLU C 7 -4.18 15.94 -48.82
N SER C 8 -2.93 16.39 -48.85
CA SER C 8 -2.35 16.98 -50.04
C SER C 8 -0.85 16.74 -50.08
N GLY C 9 -0.24 17.12 -51.21
CA GLY C 9 1.22 17.11 -51.38
C GLY C 9 1.77 15.93 -52.16
N GLY C 10 0.95 14.91 -52.40
CA GLY C 10 1.40 13.71 -53.09
C GLY C 10 1.49 13.87 -54.59
N GLY C 11 1.66 12.73 -55.27
CA GLY C 11 1.66 12.66 -56.72
C GLY C 11 2.83 11.86 -57.28
N LEU C 12 3.33 12.29 -58.43
CA LEU C 12 4.40 11.59 -59.15
C LEU C 12 5.70 12.34 -59.00
N VAL C 13 6.78 11.57 -58.88
CA VAL C 13 8.11 12.15 -58.70
C VAL C 13 9.20 11.16 -59.08
N GLN C 14 10.33 11.71 -59.54
CA GLN C 14 11.50 10.93 -59.96
C GLN C 14 12.19 10.35 -58.73
N ALA C 15 12.80 9.18 -58.90
CA ALA C 15 13.60 8.56 -57.84
C ALA C 15 14.75 9.48 -57.42
N GLY C 16 15.06 9.48 -56.12
CA GLY C 16 16.02 10.42 -55.55
C GLY C 16 15.46 11.81 -55.28
N GLY C 17 14.18 12.02 -55.59
CA GLY C 17 13.55 13.32 -55.46
C GLY C 17 12.95 13.52 -54.08
N SER C 18 11.97 14.43 -54.03
CA SER C 18 11.42 14.90 -52.77
C SER C 18 9.91 15.22 -52.89
N LEU C 19 9.17 14.97 -51.82
CA LEU C 19 7.76 15.39 -51.69
C LEU C 19 7.50 15.85 -50.27
N ARG C 20 6.41 16.61 -50.09
CA ARG C 20 6.00 17.09 -48.78
C ARG C 20 4.49 16.94 -48.61
N LEU C 21 4.09 15.82 -47.99
CA LEU C 21 2.69 15.57 -47.68
C LEU C 21 2.24 16.51 -46.58
N SER C 22 0.95 16.76 -46.54
CA SER C 22 0.35 17.62 -45.54
C SER C 22 -1.09 17.19 -45.28
N CYS C 23 -1.48 17.14 -44.01
CA CYS C 23 -2.80 16.70 -43.63
C CYS C 23 -3.41 17.68 -42.64
N ALA C 24 -4.47 18.36 -43.04
CA ALA C 24 -5.10 19.41 -42.22
C ALA C 24 -6.36 18.87 -41.56
N ALA C 25 -6.28 18.63 -40.26
CA ALA C 25 -7.42 18.10 -39.51
C ALA C 25 -8.34 19.22 -39.02
N SER C 26 -9.45 19.40 -39.72
CA SER C 26 -10.50 20.33 -39.28
C SER C 26 -11.47 19.61 -38.33
N GLY C 27 -11.83 20.27 -37.24
CA GLY C 27 -12.82 19.73 -36.30
C GLY C 27 -12.23 19.59 -34.92
N SER C 28 -13.08 19.22 -33.96
CA SER C 28 -12.71 19.09 -32.55
C SER C 28 -11.85 17.85 -32.29
N ILE C 29 -10.59 18.10 -31.92
CA ILE C 29 -9.65 17.05 -31.55
C ILE C 29 -9.14 17.38 -30.16
N PHE C 30 -9.12 16.37 -29.29
CA PHE C 30 -8.61 16.53 -27.93
C PHE C 30 -7.13 16.90 -27.98
N ALA C 31 -6.74 17.80 -27.09
CA ALA C 31 -5.38 18.37 -27.05
C ALA C 31 -4.29 17.30 -27.11
N LEU C 32 -4.51 16.22 -26.34
CA LEU C 32 -3.64 15.05 -26.37
C LEU C 32 -4.04 14.08 -27.49
N ASN C 33 -3.11 13.81 -28.40
CA ASN C 33 -3.37 12.96 -29.56
C ASN C 33 -2.09 12.58 -30.30
N ILE C 34 -2.22 11.66 -31.26
CA ILE C 34 -1.16 11.38 -32.22
C ILE C 34 -1.69 11.60 -33.63
N MET C 35 -1.01 12.46 -34.38
CA MET C 35 -1.19 12.59 -35.82
C MET C 35 -0.09 11.81 -36.49
N GLY C 36 -0.46 11.04 -37.50
CA GLY C 36 0.47 10.14 -38.17
C GLY C 36 0.21 9.94 -39.64
N TRP C 37 1.15 9.23 -40.27
CA TRP C 37 1.06 8.84 -41.67
C TRP C 37 1.28 7.36 -41.76
N TYR C 38 0.37 6.68 -42.43
CA TYR C 38 0.53 5.28 -42.77
C TYR C 38 0.52 5.18 -44.28
N ARG C 39 0.94 4.04 -44.81
CA ARG C 39 0.89 3.79 -46.25
C ARG C 39 0.59 2.33 -46.56
N GLN C 40 0.07 2.07 -47.76
CA GLN C 40 -0.26 0.72 -48.21
C GLN C 40 0.13 0.50 -49.67
N ALA C 41 1.32 -0.07 -49.86
CA ALA C 41 1.84 -0.45 -51.19
C ALA C 41 0.95 -1.52 -51.84
N PRO C 42 0.99 -1.65 -53.19
CA PRO C 42 -0.04 -2.45 -53.85
C PRO C 42 0.04 -3.94 -53.47
N GLY C 43 -1.09 -4.51 -53.09
CA GLY C 43 -1.16 -5.90 -52.62
C GLY C 43 -0.30 -6.17 -51.40
N LYS C 44 -0.34 -5.26 -50.42
CA LYS C 44 0.35 -5.41 -49.15
C LYS C 44 -0.55 -4.92 -48.03
N GLN C 45 -0.06 -5.02 -46.80
CA GLN C 45 -0.79 -4.52 -45.63
C GLN C 45 -0.35 -3.10 -45.31
N ARG C 46 -1.28 -2.34 -44.75
CA ARG C 46 -1.04 -0.97 -44.30
C ARG C 46 0.00 -0.98 -43.18
N GLU C 47 1.00 -0.12 -43.28
CA GLU C 47 2.04 0.00 -42.27
C GLU C 47 2.24 1.43 -41.82
N LEU C 48 2.83 1.61 -40.64
CA LEU C 48 3.18 2.92 -40.14
C LEU C 48 4.40 3.44 -40.88
N VAL C 49 4.34 4.72 -41.23
CA VAL C 49 5.46 5.46 -41.80
C VAL C 49 6.08 6.33 -40.72
N ALA C 50 5.26 7.21 -40.14
CA ALA C 50 5.72 8.17 -39.13
C ALA C 50 4.55 8.73 -38.35
N ALA C 51 4.84 9.14 -37.12
CA ALA C 51 3.82 9.65 -36.20
C ALA C 51 4.42 10.59 -35.18
N ILE C 52 3.62 11.57 -34.79
CA ILE C 52 4.06 12.60 -33.85
C ILE C 52 2.95 12.90 -32.84
N HIS C 53 3.29 12.80 -31.56
CA HIS C 53 2.37 13.06 -30.46
C HIS C 53 2.18 14.57 -30.33
N SER C 54 1.09 14.99 -29.70
CA SER C 54 0.87 16.39 -29.34
C SER C 54 2.05 16.96 -28.53
N GLY C 55 2.59 16.13 -27.65
CA GLY C 55 3.80 16.40 -26.86
C GLY C 55 5.03 16.80 -27.64
N GLY C 56 5.26 16.20 -28.81
CA GLY C 56 6.42 16.51 -29.66
C GLY C 56 7.30 15.30 -29.96
N THR C 57 7.09 14.22 -29.21
CA THR C 57 7.74 12.93 -29.44
C THR C 57 7.34 12.37 -30.80
N THR C 58 8.26 11.65 -31.44
CA THR C 58 8.03 11.08 -32.77
C THR C 58 8.29 9.58 -32.76
N ASN C 59 7.93 8.94 -33.86
CA ASN C 59 8.17 7.50 -34.03
C ASN C 59 8.11 7.18 -35.51
N TYR C 60 9.18 6.61 -36.04
CA TYR C 60 9.32 6.30 -37.47
C TYR C 60 9.40 4.81 -37.72
N ALA C 61 9.14 4.39 -38.96
CA ALA C 61 9.49 3.04 -39.40
C ALA C 61 10.98 3.00 -39.71
N ASN C 62 11.52 1.79 -39.83
CA ASN C 62 12.93 1.64 -40.18
C ASN C 62 13.19 2.00 -41.62
N SER C 63 12.42 1.43 -42.53
CA SER C 63 12.54 1.71 -43.98
C SER C 63 12.78 3.17 -44.33
N VAL C 64 12.07 4.09 -43.65
CA VAL C 64 12.12 5.53 -43.94
C VAL C 64 12.96 6.37 -42.97
N LYS C 65 13.59 5.74 -41.98
CA LYS C 65 14.31 6.47 -40.93
C LYS C 65 15.46 7.28 -41.55
N GLY C 66 15.61 8.52 -41.12
CA GLY C 66 16.63 9.42 -41.66
C GLY C 66 16.25 10.15 -42.93
N ARG C 67 15.43 9.51 -43.77
CA ARG C 67 15.01 10.11 -45.05
C ARG C 67 13.79 11.02 -44.87
N PHE C 68 12.75 10.46 -44.24
CA PHE C 68 11.49 11.17 -44.01
C PHE C 68 11.55 11.88 -42.67
N THR C 69 10.98 13.07 -42.55
CA THR C 69 10.78 13.70 -41.22
C THR C 69 9.36 14.32 -41.04
N ILE C 70 8.73 13.95 -39.92
CA ILE C 70 7.35 14.36 -39.59
C ILE C 70 7.38 15.52 -38.62
N SER C 71 6.49 16.48 -38.82
CA SER C 71 6.45 17.65 -37.98
C SER C 71 5.02 18.07 -37.97
N ARG C 72 4.66 18.92 -37.03
CA ARG C 72 3.30 19.43 -36.99
C ARG C 72 3.29 20.92 -36.77
N ASP C 73 2.24 21.55 -37.29
CA ASP C 73 1.95 22.94 -37.04
C ASP C 73 1.62 23.09 -35.56
N ASN C 74 2.40 23.92 -34.88
CA ASN C 74 2.16 24.30 -33.50
C ASN C 74 0.77 24.93 -33.26
N ALA C 75 0.32 25.80 -34.17
CA ALA C 75 -1.01 26.43 -34.08
C ALA C 75 -2.13 25.42 -34.38
N ALA C 76 -2.34 25.10 -35.66
CA ALA C 76 -3.45 24.25 -36.10
C ALA C 76 -3.17 22.74 -35.96
N ASN C 77 -4.21 21.93 -36.18
CA ASN C 77 -4.08 20.49 -36.27
C ASN C 77 -3.75 20.16 -37.71
N THR C 78 -2.46 20.27 -38.04
CA THR C 78 -1.95 19.98 -39.38
C THR C 78 -0.58 19.33 -39.28
N VAL C 79 -0.36 18.26 -40.03
CA VAL C 79 0.84 17.43 -39.91
C VAL C 79 1.48 17.26 -41.29
N TYR C 80 2.79 17.45 -41.31
CA TYR C 80 3.60 17.47 -42.53
C TYR C 80 4.58 16.31 -42.50
N LEU C 81 4.63 15.55 -43.60
CA LEU C 81 5.67 14.53 -43.79
C LEU C 81 6.59 14.93 -44.93
N GLN C 82 7.80 15.35 -44.60
CA GLN C 82 8.80 15.77 -45.58
C GLN C 82 9.56 14.54 -46.08
N MET C 83 9.25 14.07 -47.27
CA MET C 83 9.84 12.84 -47.82
C MET C 83 10.98 13.15 -48.80
N ASN C 84 12.23 12.88 -48.38
CA ASN C 84 13.43 13.04 -49.22
C ASN C 84 14.00 11.68 -49.61
N SER C 85 14.84 11.68 -50.64
CA SER C 85 15.53 10.47 -51.15
C SER C 85 14.58 9.32 -51.50
N LEU C 86 13.51 9.67 -52.20
CA LEU C 86 12.47 8.70 -52.51
C LEU C 86 12.97 7.55 -53.38
N LYS C 87 12.40 6.36 -53.16
CA LYS C 87 12.72 5.18 -53.95
C LYS C 87 11.43 4.56 -54.45
N PRO C 88 11.50 3.73 -55.51
CA PRO C 88 10.29 3.05 -55.97
C PRO C 88 9.53 2.27 -54.87
N GLU C 89 10.27 1.75 -53.89
CA GLU C 89 9.69 1.03 -52.76
C GLU C 89 8.66 1.88 -51.99
N ASP C 90 8.92 3.17 -51.89
CA ASP C 90 8.03 4.10 -51.17
C ASP C 90 6.68 4.34 -51.82
N THR C 91 6.51 3.89 -53.07
CA THR C 91 5.25 4.03 -53.80
C THR C 91 4.09 3.32 -53.10
N ALA C 92 3.07 4.11 -52.75
CA ALA C 92 1.88 3.62 -52.06
C ALA C 92 0.81 4.70 -51.95
N VAL C 93 -0.37 4.30 -51.49
CA VAL C 93 -1.41 5.22 -51.07
C VAL C 93 -1.10 5.59 -49.62
N TYR C 94 -0.86 6.87 -49.36
CA TYR C 94 -0.52 7.33 -48.00
C TYR C 94 -1.77 7.85 -47.30
N TYR C 95 -2.02 7.37 -46.08
CA TYR C 95 -3.18 7.74 -45.29
C TYR C 95 -2.81 8.53 -44.04
N CYS C 96 -3.45 9.68 -43.87
CA CYS C 96 -3.32 10.48 -42.65
C CYS C 96 -4.13 9.83 -41.56
N ASN C 97 -3.66 9.88 -40.32
CA ASN C 97 -4.38 9.28 -39.19
C ASN C 97 -4.31 10.17 -37.95
N VAL C 98 -5.43 10.26 -37.23
CA VAL C 98 -5.47 10.91 -35.93
C VAL C 98 -6.02 9.93 -34.90
N LYS C 99 -5.17 9.62 -33.90
CA LYS C 99 -5.56 8.90 -32.71
C LYS C 99 -5.97 9.96 -31.68
N ASP C 100 -7.25 10.01 -31.32
CA ASP C 100 -7.76 10.98 -30.33
C ASP C 100 -7.91 10.33 -28.95
N PHE C 101 -7.32 10.94 -27.91
CA PHE C 101 -7.36 10.37 -26.56
C PHE C 101 -8.44 10.94 -25.60
N GLY C 102 -9.42 11.65 -26.15
CA GLY C 102 -10.41 12.36 -25.35
C GLY C 102 -11.37 11.51 -24.53
N ALA C 103 -11.43 10.20 -24.79
CA ALA C 103 -12.21 9.28 -23.95
C ALA C 103 -11.42 8.70 -22.76
N ILE C 104 -10.11 8.88 -22.75
CA ILE C 104 -9.21 8.50 -21.63
C ILE C 104 -8.91 7.00 -21.57
N ILE C 105 -9.95 6.17 -21.50
CA ILE C 105 -9.79 4.73 -21.37
C ILE C 105 -9.49 4.10 -22.72
N TYR C 106 -10.06 4.66 -23.78
CA TYR C 106 -9.81 4.20 -25.15
C TYR C 106 -9.47 5.35 -26.09
N ASP C 107 -8.96 5.00 -27.26
CA ASP C 107 -8.64 5.99 -28.27
C ASP C 107 -9.64 5.88 -29.43
N TYR C 108 -9.96 7.02 -30.04
CA TYR C 108 -10.79 7.05 -31.24
C TYR C 108 -9.89 7.30 -32.44
N ASP C 109 -10.18 6.64 -33.57
CA ASP C 109 -9.38 6.76 -34.80
C ASP C 109 -10.10 7.52 -35.90
N TYR C 110 -9.38 8.40 -36.58
CA TYR C 110 -9.84 9.07 -37.79
C TYR C 110 -8.86 8.80 -38.89
N TRP C 111 -9.34 8.36 -40.04
CA TRP C 111 -8.49 8.15 -41.22
C TRP C 111 -8.86 9.09 -42.34
N GLY C 112 -7.86 9.51 -43.10
CA GLY C 112 -8.07 10.25 -44.34
C GLY C 112 -8.41 9.31 -45.48
N GLN C 113 -8.99 9.88 -46.54
CA GLN C 113 -9.36 9.11 -47.75
C GLN C 113 -8.16 8.45 -48.43
N GLY C 114 -7.01 9.09 -48.34
CA GLY C 114 -5.76 8.60 -48.92
C GLY C 114 -5.31 9.51 -50.05
N THR C 115 -4.02 9.47 -50.36
CA THR C 115 -3.45 10.24 -51.47
C THR C 115 -2.30 9.46 -52.12
N GLN C 116 -2.31 9.36 -53.44
CA GLN C 116 -1.37 8.50 -54.15
C GLN C 116 0.00 9.14 -54.15
N VAL C 117 1.01 8.32 -53.93
CA VAL C 117 2.39 8.70 -54.15
C VAL C 117 2.95 7.62 -55.06
N THR C 118 3.55 8.03 -56.18
CA THR C 118 4.18 7.10 -57.11
C THR C 118 5.57 7.62 -57.46
N VAL C 119 6.57 6.82 -57.14
CA VAL C 119 7.96 7.16 -57.36
C VAL C 119 8.47 6.24 -58.47
N SER C 120 8.75 6.82 -59.65
CA SER C 120 9.31 6.06 -60.77
C SER C 120 10.83 6.24 -60.79
N SER C 121 11.53 5.23 -61.32
CA SER C 121 12.99 5.15 -61.25
C SER C 121 13.68 6.13 -62.21
N ASP D 2 13.36 -1.61 -31.01
CA ASP D 2 13.78 -0.34 -30.34
C ASP D 2 15.18 -0.43 -29.71
N LYS D 3 15.35 -1.40 -28.81
CA LYS D 3 16.66 -1.74 -28.20
C LYS D 3 17.67 -2.38 -29.20
N ILE D 4 17.18 -2.75 -30.38
CA ILE D 4 17.93 -3.52 -31.38
C ILE D 4 18.81 -2.62 -32.25
N ILE D 5 20.07 -3.05 -32.43
CA ILE D 5 21.00 -2.43 -33.38
C ILE D 5 20.67 -2.98 -34.76
N HIS D 6 20.61 -2.09 -35.75
CA HIS D 6 20.33 -2.46 -37.14
C HIS D 6 21.61 -2.30 -37.95
N LEU D 7 22.29 -3.42 -38.20
CA LEU D 7 23.68 -3.44 -38.69
C LEU D 7 23.80 -3.19 -40.19
N THR D 8 24.99 -2.77 -40.63
CA THR D 8 25.40 -2.78 -42.04
C THR D 8 26.63 -3.71 -42.21
N ASP D 9 27.16 -3.79 -43.44
CA ASP D 9 28.48 -4.42 -43.70
C ASP D 9 29.59 -3.64 -43.00
N ASP D 10 29.52 -2.31 -43.08
CA ASP D 10 30.57 -1.41 -42.59
C ASP D 10 30.56 -1.23 -41.08
N SER D 11 29.38 -1.01 -40.52
CA SER D 11 29.23 -0.82 -39.07
C SER D 11 29.42 -2.10 -38.24
N PHE D 12 29.49 -3.27 -38.91
CA PHE D 12 29.64 -4.57 -38.23
C PHE D 12 30.87 -4.68 -37.30
N ASP D 13 32.00 -4.12 -37.71
CA ASP D 13 33.20 -4.14 -36.89
C ASP D 13 33.01 -3.36 -35.58
N THR D 14 32.44 -2.16 -35.66
CA THR D 14 32.24 -1.30 -34.49
C THR D 14 31.06 -1.72 -33.60
N ASP D 15 29.98 -2.19 -34.23
CA ASP D 15 28.74 -2.57 -33.51
C ASP D 15 28.78 -3.98 -32.88
N VAL D 16 29.67 -4.86 -33.37
CA VAL D 16 29.73 -6.27 -32.91
C VAL D 16 31.14 -6.74 -32.47
N LEU D 17 32.17 -6.49 -33.29
CA LEU D 17 33.52 -6.97 -33.00
C LEU D 17 34.23 -6.13 -31.95
N LYS D 18 34.07 -4.81 -32.02
CA LYS D 18 34.57 -3.88 -31.00
C LYS D 18 33.63 -3.70 -29.79
N ALA D 19 32.39 -4.16 -29.89
CA ALA D 19 31.35 -3.82 -28.90
C ALA D 19 31.51 -4.55 -27.56
N ASP D 20 31.03 -3.88 -26.51
CA ASP D 20 31.17 -4.36 -25.13
C ASP D 20 30.12 -5.44 -24.83
N GLY D 21 30.55 -6.48 -24.12
CA GLY D 21 29.66 -7.53 -23.69
C GLY D 21 29.15 -8.38 -24.85
N ALA D 22 28.03 -9.07 -24.60
CA ALA D 22 27.48 -10.02 -25.55
C ALA D 22 26.60 -9.32 -26.59
N ILE D 23 26.70 -9.75 -27.85
CA ILE D 23 25.85 -9.28 -28.95
C ILE D 23 25.27 -10.51 -29.66
N LEU D 24 23.94 -10.57 -29.80
CA LEU D 24 23.27 -11.66 -30.54
C LEU D 24 22.86 -11.16 -31.92
N VAL D 25 23.55 -11.63 -32.96
CA VAL D 25 23.30 -11.20 -34.34
C VAL D 25 22.27 -12.10 -35.02
N ASP D 26 21.22 -11.51 -35.59
CA ASP D 26 20.23 -12.22 -36.44
C ASP D 26 20.52 -11.97 -37.92
N PHE D 27 20.86 -13.05 -38.65
CA PHE D 27 21.04 -13.00 -40.10
C PHE D 27 19.72 -13.37 -40.75
N TRP D 28 19.03 -12.36 -41.27
CA TRP D 28 17.67 -12.50 -41.81
C TRP D 28 17.62 -11.95 -43.23
N ALA D 29 16.59 -12.31 -43.98
CA ALA D 29 16.32 -11.73 -45.30
C ALA D 29 14.82 -11.49 -45.46
N GLU D 30 14.47 -10.55 -46.34
CA GLU D 30 13.05 -10.21 -46.57
C GLU D 30 12.31 -11.33 -47.31
N TRP D 31 13.01 -12.06 -48.17
CA TRP D 31 12.44 -13.23 -48.89
C TRP D 31 12.11 -14.43 -47.99
N SER D 32 12.93 -14.70 -46.98
CA SER D 32 12.79 -15.90 -46.14
C SER D 32 11.64 -15.78 -45.12
N GLY D 33 10.68 -16.71 -45.22
CA GLY D 33 9.57 -16.80 -44.27
C GLY D 33 9.98 -17.23 -42.87
N PRO D 34 10.91 -18.21 -42.76
CA PRO D 34 11.50 -18.55 -41.47
C PRO D 34 12.28 -17.42 -40.76
N SER D 35 12.91 -16.53 -41.53
CA SER D 35 13.67 -15.41 -40.97
C SER D 35 12.82 -14.34 -40.26
N LYS D 36 11.57 -14.22 -40.70
CA LYS D 36 10.60 -13.28 -40.12
C LYS D 36 9.89 -13.84 -38.88
N MET D 37 9.57 -15.14 -38.88
CA MET D 37 8.87 -15.80 -37.75
C MET D 37 9.51 -15.57 -36.36
N ILE D 38 10.83 -15.34 -36.31
CA ILE D 38 11.55 -14.99 -35.06
C ILE D 38 11.71 -13.48 -34.77
N ALA D 39 11.48 -12.63 -35.77
CA ALA D 39 11.55 -11.17 -35.59
C ALA D 39 10.76 -10.58 -34.37
N PRO D 40 9.47 -10.97 -34.20
CA PRO D 40 8.74 -10.49 -33.02
C PRO D 40 9.19 -11.13 -31.69
N ILE D 41 9.79 -12.31 -31.78
CA ILE D 41 10.38 -13.00 -30.61
C ILE D 41 11.70 -12.32 -30.19
N LEU D 42 12.51 -11.91 -31.16
CA LEU D 42 13.75 -11.18 -30.86
C LEU D 42 13.51 -9.80 -30.24
N ASP D 43 12.42 -9.14 -30.63
CA ASP D 43 11.99 -7.88 -30.00
C ASP D 43 11.76 -8.05 -28.49
N GLU D 44 11.10 -9.14 -28.13
CA GLU D 44 10.82 -9.44 -26.72
C GLU D 44 12.10 -9.81 -25.95
N ILE D 45 13.01 -10.53 -26.60
CA ILE D 45 14.31 -10.91 -26.00
C ILE D 45 15.21 -9.70 -25.72
N ALA D 46 15.15 -8.68 -26.57
CA ALA D 46 15.94 -7.45 -26.35
C ALA D 46 15.54 -6.70 -25.07
N ASP D 47 14.25 -6.73 -24.73
CA ASP D 47 13.75 -6.16 -23.47
C ASP D 47 14.06 -7.06 -22.28
N GLU D 48 13.68 -8.32 -22.39
CA GLU D 48 13.80 -9.30 -21.30
C GLU D 48 15.24 -9.64 -20.91
N TYR D 49 16.18 -9.54 -21.86
CA TYR D 49 17.61 -9.74 -21.59
C TYR D 49 18.42 -8.41 -21.68
N GLN D 50 17.83 -7.31 -21.20
CA GLN D 50 18.55 -6.01 -21.11
C GLN D 50 19.68 -6.13 -20.10
N GLY D 51 20.87 -5.65 -20.45
CA GLY D 51 22.06 -5.74 -19.57
C GLY D 51 22.86 -7.02 -19.77
N LYS D 52 22.18 -8.17 -19.81
CA LYS D 52 22.80 -9.47 -20.11
C LYS D 52 23.29 -9.58 -21.57
N LEU D 53 22.51 -9.03 -22.50
CA LEU D 53 22.76 -9.18 -23.94
C LEU D 53 22.24 -7.97 -24.73
N THR D 54 22.79 -7.77 -25.93
CA THR D 54 22.30 -6.79 -26.91
C THR D 54 21.94 -7.50 -28.23
N VAL D 55 20.67 -7.43 -28.62
CA VAL D 55 20.21 -8.03 -29.89
C VAL D 55 20.64 -7.12 -31.05
N ALA D 56 21.13 -7.74 -32.13
CA ALA D 56 21.54 -7.03 -33.35
C ALA D 56 21.02 -7.76 -34.59
N LYS D 57 20.71 -7.02 -35.66
CA LYS D 57 20.13 -7.59 -36.89
C LYS D 57 20.88 -7.12 -38.13
N LEU D 58 21.03 -8.02 -39.11
CA LEU D 58 21.71 -7.72 -40.37
C LEU D 58 20.99 -8.39 -41.53
N ASN D 59 20.55 -7.56 -42.49
CA ASN D 59 19.81 -8.00 -43.67
C ASN D 59 20.80 -8.48 -44.76
N ILE D 60 20.70 -9.74 -45.18
CA ILE D 60 21.65 -10.35 -46.16
C ILE D 60 21.40 -9.88 -47.61
N ASP D 61 20.17 -9.41 -47.90
CA ASP D 61 19.86 -8.74 -49.16
C ASP D 61 20.59 -7.40 -49.23
N GLN D 62 20.52 -6.64 -48.15
CA GLN D 62 21.21 -5.34 -48.03
C GLN D 62 22.73 -5.52 -48.03
N ASN D 63 23.20 -6.35 -47.10
CA ASN D 63 24.63 -6.51 -46.81
C ASN D 63 25.07 -7.98 -47.00
N PRO D 64 25.34 -8.37 -48.28
CA PRO D 64 25.71 -9.76 -48.55
C PRO D 64 27.14 -10.12 -48.13
N GLY D 65 28.00 -9.13 -47.90
CA GLY D 65 29.42 -9.36 -47.60
C GLY D 65 29.78 -9.92 -46.24
N THR D 66 28.90 -9.77 -45.24
CA THR D 66 29.18 -10.24 -43.87
C THR D 66 28.99 -11.75 -43.72
N ALA D 67 27.88 -12.26 -44.25
CA ALA D 67 27.45 -13.67 -44.04
C ALA D 67 28.43 -14.77 -44.50
N PRO D 68 29.07 -14.61 -45.68
CA PRO D 68 30.12 -15.55 -46.11
C PRO D 68 31.26 -15.76 -45.10
N LYS D 69 31.73 -14.69 -44.48
CA LYS D 69 32.89 -14.75 -43.57
C LYS D 69 32.73 -15.74 -42.40
N TYR D 70 31.51 -15.84 -41.86
CA TYR D 70 31.23 -16.74 -40.73
C TYR D 70 30.63 -18.09 -41.13
N GLY D 71 30.39 -18.28 -42.44
CA GLY D 71 29.97 -19.58 -42.97
C GLY D 71 28.52 -19.90 -42.72
N ILE D 72 27.65 -18.92 -42.98
CA ILE D 72 26.21 -19.07 -42.76
C ILE D 72 25.60 -19.94 -43.87
N ARG D 73 25.00 -21.06 -43.49
CA ARG D 73 24.39 -22.02 -44.42
C ARG D 73 22.93 -21.65 -44.78
N GLY D 74 22.04 -21.74 -43.79
CA GLY D 74 20.63 -21.35 -43.95
C GLY D 74 20.33 -20.05 -43.25
N ILE D 75 19.06 -19.64 -43.25
CA ILE D 75 18.57 -18.51 -42.43
C ILE D 75 17.17 -18.83 -41.87
N PRO D 76 16.86 -18.41 -40.64
CA PRO D 76 17.70 -17.56 -39.79
C PRO D 76 18.80 -18.30 -39.02
N THR D 77 19.95 -17.64 -38.86
CA THR D 77 21.06 -18.12 -38.00
C THR D 77 21.34 -17.05 -36.96
N LEU D 78 21.32 -17.45 -35.69
CA LEU D 78 21.61 -16.56 -34.56
C LEU D 78 23.03 -16.78 -34.02
N LEU D 79 23.94 -15.83 -34.29
CA LEU D 79 25.31 -15.88 -33.76
C LEU D 79 25.49 -15.00 -32.52
N LEU D 80 25.75 -15.64 -31.39
CA LEU D 80 26.07 -14.96 -30.14
C LEU D 80 27.57 -14.63 -30.13
N PHE D 81 27.90 -13.38 -29.84
CA PHE D 81 29.27 -12.86 -29.91
C PHE D 81 29.77 -12.46 -28.52
N LYS D 82 31.05 -12.74 -28.23
CA LYS D 82 31.71 -12.32 -26.98
C LYS D 82 33.15 -11.83 -27.23
N ASN D 83 33.31 -10.50 -27.27
CA ASN D 83 34.60 -9.81 -27.43
C ASN D 83 35.30 -10.10 -28.77
N GLY D 84 34.52 -10.06 -29.85
CA GLY D 84 35.03 -10.30 -31.21
C GLY D 84 35.18 -11.76 -31.60
N GLU D 85 34.46 -12.67 -30.93
CA GLU D 85 34.48 -14.11 -31.23
C GLU D 85 33.07 -14.69 -31.08
N VAL D 86 32.74 -15.68 -31.92
CA VAL D 86 31.45 -16.37 -31.84
C VAL D 86 31.53 -17.43 -30.73
N ALA D 87 30.76 -17.22 -29.66
CA ALA D 87 30.75 -18.14 -28.53
C ALA D 87 29.83 -19.33 -28.79
N ALA D 88 28.59 -19.07 -29.22
CA ALA D 88 27.60 -20.13 -29.53
C ALA D 88 26.72 -19.76 -30.73
N THR D 89 26.16 -20.80 -31.37
CA THR D 89 25.39 -20.65 -32.60
C THR D 89 24.08 -21.45 -32.51
N LYS D 90 23.05 -20.95 -33.22
CA LYS D 90 21.81 -21.69 -33.44
C LYS D 90 21.30 -21.36 -34.84
N VAL D 91 20.64 -22.33 -35.47
CA VAL D 91 20.16 -22.19 -36.84
C VAL D 91 18.71 -22.71 -36.97
N GLY D 92 17.91 -22.00 -37.77
CA GLY D 92 16.49 -22.30 -37.95
C GLY D 92 15.59 -21.48 -37.02
N ALA D 93 14.29 -21.50 -37.33
CA ALA D 93 13.28 -20.78 -36.56
C ALA D 93 12.93 -21.50 -35.25
N LEU D 94 12.41 -20.73 -34.30
CA LEU D 94 12.16 -21.20 -32.93
C LEU D 94 10.97 -20.50 -32.30
N SER D 95 10.48 -21.08 -31.21
CA SER D 95 9.56 -20.41 -30.30
C SER D 95 10.37 -19.64 -29.24
N LYS D 96 9.67 -18.86 -28.41
CA LYS D 96 10.30 -18.03 -27.37
C LYS D 96 10.97 -18.89 -26.27
N GLY D 97 10.30 -19.99 -25.90
CA GLY D 97 10.80 -20.92 -24.88
C GLY D 97 12.02 -21.71 -25.31
N GLN D 98 12.07 -22.08 -26.60
CA GLN D 98 13.26 -22.73 -27.19
C GLN D 98 14.47 -21.80 -27.19
N LEU D 99 14.23 -20.53 -27.54
CA LEU D 99 15.29 -19.51 -27.57
C LEU D 99 15.79 -19.10 -26.18
N LYS D 100 14.90 -19.05 -25.20
CA LYS D 100 15.30 -18.74 -23.84
C LYS D 100 16.23 -19.80 -23.25
N GLU D 101 15.97 -21.08 -23.55
CA GLU D 101 16.83 -22.18 -23.11
C GLU D 101 18.23 -22.11 -23.72
N PHE D 102 18.32 -21.75 -24.99
CA PHE D 102 19.59 -21.51 -25.68
C PHE D 102 20.39 -20.39 -25.00
N LEU D 103 19.72 -19.27 -24.72
CA LEU D 103 20.34 -18.10 -24.10
C LEU D 103 20.65 -18.32 -22.61
N ASP D 104 19.71 -18.91 -21.89
CA ASP D 104 19.89 -19.29 -20.47
C ASP D 104 21.15 -20.15 -20.27
N ALA D 105 21.29 -21.19 -21.10
CA ALA D 105 22.41 -22.13 -21.03
C ALA D 105 23.74 -21.49 -21.39
N ASN D 106 23.78 -20.73 -22.47
CA ASN D 106 25.02 -20.10 -22.95
C ASN D 106 25.51 -18.91 -22.09
N LEU D 107 24.59 -18.04 -21.66
CA LEU D 107 24.99 -16.73 -21.09
C LEU D 107 25.47 -16.80 -19.65
N ALA D 108 24.69 -17.46 -18.78
CA ALA D 108 24.83 -17.41 -17.29
C ALA D 108 26.16 -16.92 -16.65
N ALA E 2 29.21 -15.83 -10.86
CA ALA E 2 29.26 -14.74 -9.83
C ALA E 2 28.01 -13.86 -9.85
N ALA E 3 27.73 -13.27 -11.03
CA ALA E 3 26.49 -12.50 -11.24
C ALA E 3 25.22 -13.39 -11.24
N LYS E 4 25.41 -14.71 -11.34
CA LYS E 4 24.36 -15.70 -11.05
C LYS E 4 23.99 -15.74 -9.57
N VAL E 5 25.01 -15.77 -8.71
CA VAL E 5 24.84 -15.90 -7.25
C VAL E 5 24.57 -14.54 -6.58
N MET E 6 25.18 -13.47 -7.10
CA MET E 6 24.88 -12.11 -6.65
C MET E 6 23.38 -11.80 -6.72
N SER E 7 22.72 -12.22 -7.78
CA SER E 7 21.28 -11.98 -7.97
C SER E 7 20.40 -12.78 -7.01
N LEU E 8 20.74 -14.05 -6.78
CA LEU E 8 20.04 -14.91 -5.82
C LEU E 8 20.16 -14.41 -4.39
N LEU E 9 21.32 -13.81 -4.07
CA LEU E 9 21.57 -13.27 -2.74
C LEU E 9 20.66 -12.09 -2.42
N MET E 10 20.54 -11.15 -3.36
CA MET E 10 19.61 -10.01 -3.26
C MET E 10 18.17 -10.45 -2.97
N ALA E 11 17.76 -11.55 -3.61
CA ALA E 11 16.39 -12.06 -3.48
C ALA E 11 16.04 -12.39 -2.03
N LEU E 12 16.90 -13.15 -1.36
CA LEU E 12 16.62 -13.56 0.03
C LEU E 12 16.81 -12.41 1.02
N VAL E 13 17.68 -11.45 0.69
CA VAL E 13 17.79 -10.22 1.46
C VAL E 13 16.41 -9.57 1.55
N VAL E 14 15.76 -9.40 0.40
CA VAL E 14 14.39 -8.87 0.38
C VAL E 14 13.41 -9.79 1.10
N LEU E 15 13.59 -11.10 0.97
CA LEU E 15 12.73 -12.06 1.65
C LEU E 15 12.85 -11.96 3.17
N LEU E 16 14.08 -11.87 3.65
CA LEU E 16 14.36 -11.75 5.09
C LEU E 16 13.86 -10.44 5.69
N ILE E 17 14.02 -9.36 4.95
CA ILE E 17 13.55 -8.05 5.38
C ILE E 17 12.04 -8.05 5.50
N VAL E 18 11.36 -8.40 4.41
CA VAL E 18 9.90 -8.30 4.38
C VAL E 18 9.31 -9.26 5.40
N ALA E 19 9.76 -10.52 5.39
CA ALA E 19 9.26 -11.51 6.33
C ALA E 19 9.39 -11.03 7.77
N GLY E 20 10.64 -10.73 8.15
CA GLY E 20 10.97 -10.34 9.52
C GLY E 20 10.13 -9.18 10.00
N ASN E 21 10.12 -8.09 9.24
CA ASN E 21 9.42 -6.88 9.65
C ASN E 21 7.90 -7.01 9.60
N VAL E 22 7.37 -7.81 8.69
CA VAL E 22 5.93 -8.12 8.70
C VAL E 22 5.58 -8.90 9.97
N LEU E 23 6.41 -9.87 10.28
CA LEU E 23 6.22 -10.69 11.47
C LEU E 23 6.21 -9.89 12.76
N VAL E 24 7.07 -8.88 12.84
CA VAL E 24 7.15 -7.98 14.00
C VAL E 24 5.88 -7.15 14.12
N ILE E 25 5.54 -6.45 13.06
CA ILE E 25 4.39 -5.55 13.05
C ILE E 25 3.12 -6.34 13.37
N ALA E 26 3.01 -7.52 12.77
CA ALA E 26 1.94 -8.47 13.10
C ALA E 26 1.86 -8.73 14.59
N ALA E 27 2.98 -9.14 15.16
CA ALA E 27 3.08 -9.54 16.56
C ALA E 27 2.65 -8.43 17.48
N ILE E 28 3.06 -7.20 17.18
CA ILE E 28 2.77 -6.07 18.03
C ILE E 28 1.29 -5.70 17.94
N GLY E 29 0.77 -5.59 16.72
CA GLY E 29 -0.64 -5.24 16.51
C GLY E 29 -1.63 -6.29 17.04
N SER E 30 -1.22 -7.54 17.00
CA SER E 30 -2.06 -8.69 17.35
C SER E 30 -1.94 -9.17 18.80
N THR E 31 -1.13 -8.49 19.63
CA THR E 31 -0.88 -8.90 21.02
C THR E 31 -0.96 -7.70 21.99
N GLN E 32 -1.94 -7.74 22.90
CA GLN E 32 -2.16 -6.70 23.91
C GLN E 32 -0.89 -6.49 24.74
N ARG E 33 -0.25 -7.60 25.09
CA ARG E 33 0.95 -7.63 25.92
C ARG E 33 2.20 -6.96 25.31
N LEU E 34 2.29 -6.95 23.97
CA LEU E 34 3.46 -6.40 23.27
C LEU E 34 3.37 -4.90 23.00
N GLN E 35 2.22 -4.30 23.27
CA GLN E 35 2.02 -2.88 22.96
C GLN E 35 2.57 -1.98 24.06
N THR E 36 3.85 -2.14 24.35
CA THR E 36 4.53 -1.34 25.37
C THR E 36 5.01 -0.06 24.73
N LEU E 37 5.64 0.80 25.54
CA LEU E 37 6.16 2.07 25.08
C LEU E 37 7.37 1.85 24.17
N THR E 38 8.31 1.03 24.61
CA THR E 38 9.48 0.71 23.80
C THR E 38 9.08 0.16 22.44
N ASN E 39 8.17 -0.81 22.44
CA ASN E 39 7.73 -1.46 21.20
C ASN E 39 6.98 -0.55 20.24
N LEU E 40 6.56 0.61 20.72
CA LEU E 40 6.06 1.67 19.87
C LEU E 40 7.17 2.17 18.93
N PHE E 41 8.34 2.45 19.50
CA PHE E 41 9.53 2.81 18.71
C PHE E 41 9.99 1.67 17.82
N ILE E 42 9.87 0.43 18.29
CA ILE E 42 10.20 -0.73 17.47
C ILE E 42 9.27 -0.79 16.24
N THR E 43 7.99 -0.47 16.44
CA THR E 43 7.02 -0.44 15.35
C THR E 43 7.41 0.59 14.27
N SER E 44 7.87 1.76 14.68
CA SER E 44 8.44 2.76 13.75
C SER E 44 9.60 2.18 12.97
N LEU E 45 10.54 1.55 13.68
CA LEU E 45 11.70 0.95 13.06
C LEU E 45 11.27 -0.02 12.00
N ALA E 46 10.43 -0.97 12.38
CA ALA E 46 9.99 -2.04 11.48
C ALA E 46 9.27 -1.54 10.23
N CYS E 47 8.53 -0.43 10.37
CA CYS E 47 7.90 0.23 9.23
C CYS E 47 8.95 0.71 8.22
N ALA E 48 9.97 1.38 8.72
CA ALA E 48 11.05 1.88 7.87
C ALA E 48 11.70 0.75 7.09
N ASP E 49 12.10 -0.28 7.81
CA ASP E 49 12.79 -1.42 7.22
C ASP E 49 11.91 -2.18 6.24
N LEU E 50 10.61 -2.25 6.52
CA LEU E 50 9.66 -2.85 5.61
C LEU E 50 9.60 -2.12 4.26
N VAL E 51 9.55 -0.79 4.27
CA VAL E 51 9.53 -0.01 3.02
C VAL E 51 10.88 -0.15 2.30
N VAL E 52 11.95 -0.35 3.05
CA VAL E 52 13.24 -0.70 2.44
C VAL E 52 13.12 -2.02 1.67
N GLY E 53 12.57 -3.04 2.30
CA GLY E 53 12.38 -4.34 1.65
C GLY E 53 11.41 -4.36 0.48
N LEU E 54 10.31 -3.62 0.56
CA LEU E 54 9.29 -3.62 -0.49
C LEU E 54 9.71 -2.84 -1.71
N LEU E 55 10.09 -1.58 -1.52
CA LEU E 55 10.30 -0.67 -2.63
C LEU E 55 11.76 -0.33 -2.87
N VAL E 56 12.52 -0.03 -1.83
CA VAL E 56 13.87 0.51 -2.00
C VAL E 56 14.82 -0.51 -2.57
N VAL E 57 14.93 -1.66 -1.93
CA VAL E 57 15.91 -2.66 -2.36
C VAL E 57 15.55 -3.26 -3.73
N PRO E 58 14.27 -3.64 -3.97
CA PRO E 58 13.92 -4.25 -5.26
C PRO E 58 14.23 -3.40 -6.49
N PHE E 59 13.79 -2.15 -6.50
CA PHE E 59 14.15 -1.21 -7.58
C PHE E 59 15.66 -1.04 -7.70
N GLY E 60 16.37 -1.05 -6.57
CA GLY E 60 17.82 -0.99 -6.57
C GLY E 60 18.46 -2.24 -7.14
N ALA E 61 17.85 -3.39 -6.86
CA ALA E 61 18.31 -4.70 -7.38
C ALA E 61 18.30 -4.77 -8.90
N THR E 62 17.32 -4.11 -9.51
CA THR E 62 17.19 -4.08 -10.97
C THR E 62 18.32 -3.29 -11.60
N LEU E 63 18.57 -2.10 -11.05
CA LEU E 63 19.64 -1.22 -11.53
C LEU E 63 21.03 -1.90 -11.60
N VAL E 64 21.26 -2.88 -10.73
CA VAL E 64 22.47 -3.71 -10.79
C VAL E 64 22.35 -4.75 -11.92
N VAL E 65 21.22 -5.45 -11.98
CA VAL E 65 20.99 -6.51 -12.97
C VAL E 65 21.01 -5.97 -14.41
N ARG E 66 20.15 -5.00 -14.69
CA ARG E 66 20.04 -4.41 -16.03
C ARG E 66 21.24 -3.51 -16.37
N GLY E 67 21.89 -2.97 -15.33
CA GLY E 67 22.94 -1.97 -15.53
C GLY E 67 22.42 -0.59 -15.92
N THR E 68 21.10 -0.38 -15.86
CA THR E 68 20.50 0.92 -16.19
C THR E 68 19.12 1.09 -15.53
N TRP E 69 18.70 2.35 -15.45
CA TRP E 69 17.42 2.74 -14.82
C TRP E 69 16.31 2.74 -15.87
N LEU E 70 15.34 1.85 -15.70
CA LEU E 70 14.30 1.64 -16.70
C LEU E 70 13.03 2.46 -16.52
N TRP E 71 12.90 3.21 -15.42
CA TRP E 71 11.61 3.83 -15.04
C TRP E 71 11.60 5.36 -15.06
N GLY E 72 12.63 5.98 -15.63
CA GLY E 72 12.59 7.40 -15.96
C GLY E 72 12.75 8.39 -14.83
N SER E 73 13.27 9.56 -15.20
CA SER E 73 13.83 10.52 -14.27
C SER E 73 12.99 10.83 -13.03
N PHE E 74 11.66 10.81 -13.16
CA PHE E 74 10.78 11.09 -12.01
C PHE E 74 10.91 10.03 -10.93
N LEU E 75 10.72 8.79 -11.32
CA LEU E 75 10.83 7.69 -10.38
C LEU E 75 12.25 7.48 -9.87
N CYS E 76 13.28 7.85 -10.64
CA CYS E 76 14.64 7.86 -10.12
C CYS E 76 14.69 8.74 -8.89
N GLU E 77 14.19 9.98 -9.00
CA GLU E 77 14.24 10.88 -7.85
C GLU E 77 13.29 10.51 -6.70
N LEU E 78 12.13 9.96 -7.02
CA LEU E 78 11.20 9.53 -5.97
C LEU E 78 11.75 8.33 -5.20
N TRP E 79 12.26 7.33 -5.93
CA TRP E 79 12.93 6.17 -5.32
C TRP E 79 14.14 6.56 -4.48
N THR E 80 14.92 7.50 -4.98
CA THR E 80 16.06 8.03 -4.24
C THR E 80 15.60 8.68 -2.94
N SER E 81 14.56 9.50 -3.00
CA SER E 81 13.98 10.11 -1.80
C SER E 81 13.49 9.04 -0.81
N LEU E 82 12.70 8.12 -1.32
CA LEU E 82 12.17 7.01 -0.52
C LEU E 82 13.29 6.20 0.15
N ASP E 83 14.41 6.04 -0.55
CA ASP E 83 15.59 5.36 -0.01
C ASP E 83 16.14 6.15 1.16
N VAL E 84 16.51 7.41 0.90
CA VAL E 84 17.12 8.26 1.93
C VAL E 84 16.19 8.42 3.12
N LEU E 85 14.90 8.63 2.85
CA LEU E 85 13.89 8.74 3.91
C LEU E 85 13.87 7.53 4.81
N CYS E 86 13.80 6.34 4.23
CA CYS E 86 13.66 5.12 5.02
C CYS E 86 14.94 4.73 5.77
N VAL E 87 16.09 5.08 5.21
CA VAL E 87 17.36 4.86 5.91
C VAL E 87 17.48 5.83 7.08
N THR E 88 17.17 7.09 6.83
CA THR E 88 17.18 8.10 7.89
C THR E 88 16.24 7.74 9.04
N ALA E 89 15.03 7.31 8.72
CA ALA E 89 14.05 6.92 9.75
C ALA E 89 14.55 5.72 10.54
N SER E 90 15.05 4.71 9.83
CA SER E 90 15.59 3.49 10.46
C SER E 90 16.66 3.85 11.48
N ILE E 91 17.69 4.57 11.04
CA ILE E 91 18.86 4.79 11.88
C ILE E 91 18.53 5.74 13.03
N GLU E 92 17.83 6.83 12.74
CA GLU E 92 17.38 7.74 13.78
C GLU E 92 16.48 7.07 14.80
N THR E 93 15.70 6.07 14.38
CA THR E 93 14.85 5.33 15.31
C THR E 93 15.68 4.40 16.21
N LEU E 94 16.75 3.79 15.68
CA LEU E 94 17.70 3.01 16.50
C LEU E 94 18.28 3.85 17.63
N CYS E 95 18.62 5.08 17.27
CA CYS E 95 19.13 6.09 18.18
C CYS E 95 18.12 6.47 19.29
N VAL E 96 16.84 6.61 18.93
CA VAL E 96 15.78 6.90 19.91
C VAL E 96 15.61 5.73 20.88
N ILE E 97 15.68 4.52 20.35
CA ILE E 97 15.60 3.31 21.18
C ILE E 97 16.74 3.25 22.19
N ALA E 98 17.98 3.47 21.74
CA ALA E 98 19.12 3.49 22.65
C ALA E 98 18.83 4.44 23.82
N ILE E 99 18.42 5.66 23.50
CA ILE E 99 18.10 6.66 24.53
C ILE E 99 17.04 6.13 25.47
N ASP E 100 15.92 5.69 24.90
CA ASP E 100 14.79 5.16 25.65
C ASP E 100 15.22 4.09 26.66
N ARG E 101 15.93 3.06 26.19
CA ARG E 101 16.36 1.95 27.04
C ARG E 101 17.32 2.42 28.13
N TYR E 102 18.26 3.29 27.78
CA TYR E 102 19.15 3.88 28.77
C TYR E 102 18.37 4.58 29.89
N LEU E 103 17.35 5.38 29.56
CA LEU E 103 16.52 5.99 30.59
C LEU E 103 15.73 4.99 31.41
N ALA E 104 15.11 4.01 30.76
CA ALA E 104 14.28 3.01 31.45
C ALA E 104 15.08 2.01 32.31
N ILE E 105 16.36 1.84 32.01
CA ILE E 105 17.27 1.03 32.81
C ILE E 105 17.82 1.82 34.01
N THR E 106 18.21 3.08 33.80
CA THR E 106 18.97 3.84 34.81
C THR E 106 18.20 4.89 35.56
N SER E 107 17.08 5.37 35.02
CA SER E 107 16.22 6.35 35.72
C SER E 107 14.75 5.95 35.53
N PRO E 108 14.43 4.68 35.84
CA PRO E 108 13.15 4.08 35.45
C PRO E 108 11.93 4.81 35.95
N PHE E 109 12.03 5.39 37.15
CA PHE E 109 10.88 6.01 37.80
C PHE E 109 10.61 7.39 37.21
N ARG E 110 11.67 8.17 37.03
CA ARG E 110 11.60 9.43 36.30
C ARG E 110 11.04 9.20 34.87
N TYR E 111 11.64 8.23 34.18
CA TYR E 111 11.28 7.92 32.80
C TYR E 111 9.79 7.62 32.58
N GLN E 112 9.16 6.93 33.51
CA GLN E 112 7.73 6.57 33.38
C GLN E 112 6.80 7.77 33.35
N SER E 113 7.07 8.74 34.21
CA SER E 113 6.29 9.98 34.27
C SER E 113 6.63 10.89 33.09
N LEU E 114 7.93 11.14 32.89
CA LEU E 114 8.42 11.97 31.78
C LEU E 114 7.90 11.47 30.42
N MET E 115 8.23 10.22 30.08
CA MET E 115 7.91 9.67 28.77
C MET E 115 6.51 9.08 28.72
N THR E 116 5.54 9.89 28.29
CA THR E 116 4.19 9.41 28.06
C THR E 116 4.13 8.72 26.71
N ARG E 117 2.99 8.08 26.41
CA ARG E 117 2.78 7.45 25.10
C ARG E 117 2.57 8.50 24.02
N ALA E 118 1.87 9.58 24.36
CA ALA E 118 1.64 10.66 23.41
C ALA E 118 2.93 11.41 23.09
N ARG E 119 3.81 11.55 24.08
CA ARG E 119 5.13 12.13 23.87
C ARG E 119 6.00 11.29 22.94
N ALA E 120 5.94 9.96 23.12
CA ALA E 120 6.61 9.03 22.22
C ALA E 120 6.15 9.20 20.76
N LYS E 121 4.83 9.33 20.54
CA LYS E 121 4.28 9.53 19.19
C LYS E 121 4.85 10.77 18.50
N VAL E 122 5.03 11.83 19.28
CA VAL E 122 5.57 13.06 18.74
C VAL E 122 7.03 12.83 18.36
N ILE E 123 7.80 12.20 19.25
CA ILE E 123 9.20 11.82 18.94
C ILE E 123 9.26 11.02 17.63
N ILE E 124 8.39 10.02 17.49
CA ILE E 124 8.35 9.18 16.29
C ILE E 124 8.01 10.02 15.06
N CYS E 125 6.98 10.85 15.15
CA CYS E 125 6.57 11.72 14.05
C CYS E 125 7.67 12.72 13.66
N THR E 126 8.34 13.27 14.67
CA THR E 126 9.53 14.11 14.48
C THR E 126 10.56 13.40 13.63
N VAL E 127 10.89 12.17 13.99
CA VAL E 127 11.89 11.38 13.27
C VAL E 127 11.56 11.24 11.79
N TRP E 128 10.30 10.94 11.48
CA TRP E 128 9.89 10.87 10.07
C TRP E 128 9.87 12.25 9.38
N ALA E 129 9.50 13.31 10.09
CA ALA E 129 9.56 14.67 9.53
C ALA E 129 10.98 15.06 9.14
N ILE E 130 11.94 14.80 10.03
CA ILE E 130 13.35 15.05 9.75
C ILE E 130 13.82 14.19 8.57
N SER E 131 13.46 12.92 8.57
CA SER E 131 13.77 12.00 7.48
C SER E 131 13.23 12.48 6.12
N ALA E 132 12.01 13.02 6.12
CA ALA E 132 11.41 13.62 4.93
C ALA E 132 12.16 14.86 4.47
N LEU E 133 12.45 15.74 5.42
CA LEU E 133 13.09 17.01 5.11
C LEU E 133 14.54 16.90 4.65
N VAL E 134 15.20 15.78 4.92
CA VAL E 134 16.56 15.55 4.42
C VAL E 134 16.52 14.82 3.08
N SER E 135 15.50 14.01 2.84
CA SER E 135 15.36 13.27 1.60
C SER E 135 14.49 14.06 0.61
N PHE E 136 13.18 14.02 0.83
CA PHE E 136 12.22 14.44 -0.21
C PHE E 136 12.37 15.90 -0.59
N LEU E 137 12.49 16.77 0.40
CA LEU E 137 12.58 18.19 0.12
C LEU E 137 13.83 18.57 -0.70
N PRO E 138 15.04 18.18 -0.26
CA PRO E 138 16.21 18.42 -1.11
C PRO E 138 16.18 17.73 -2.46
N ILE E 139 15.82 16.44 -2.47
CA ILE E 139 15.97 15.62 -3.67
C ILE E 139 15.00 16.04 -4.77
N MET E 140 13.73 16.22 -4.40
CA MET E 140 12.70 16.68 -5.35
C MET E 140 12.97 18.11 -5.83
N MET E 141 13.53 18.97 -4.96
CA MET E 141 13.85 20.36 -5.32
C MET E 141 15.24 20.58 -5.92
N HIS E 142 15.99 19.50 -6.15
CA HIS E 142 17.30 19.55 -6.82
C HIS E 142 18.40 20.28 -6.02
N TRP E 143 18.24 20.42 -4.71
CA TRP E 143 19.27 21.09 -3.90
C TRP E 143 20.53 20.21 -3.79
N TRP E 144 20.34 18.90 -3.88
CA TRP E 144 21.43 17.93 -3.90
C TRP E 144 22.43 17.96 -5.07
N ARG E 145 22.05 18.57 -6.19
CA ARG E 145 22.76 18.42 -7.46
C ARG E 145 24.17 19.02 -7.47
N ASP E 146 25.13 18.27 -8.02
CA ASP E 146 26.50 18.75 -8.27
C ASP E 146 26.49 19.63 -9.53
N GLU E 147 27.46 20.54 -9.63
CA GLU E 147 27.59 21.46 -10.79
C GLU E 147 28.46 20.90 -11.94
N ASP E 148 29.18 19.81 -11.68
CA ASP E 148 30.07 19.14 -12.65
C ASP E 148 29.42 18.90 -14.04
N PRO E 149 30.23 18.82 -15.13
CA PRO E 149 29.65 18.43 -16.42
C PRO E 149 29.22 16.95 -16.48
N GLN E 150 30.11 16.05 -16.07
CA GLN E 150 29.86 14.59 -16.07
C GLN E 150 28.70 14.18 -15.15
N ALA E 151 28.53 14.92 -14.05
CA ALA E 151 27.35 14.80 -13.19
C ALA E 151 26.07 15.25 -13.89
N LEU E 152 26.15 16.35 -14.63
CA LEU E 152 25.02 16.87 -15.39
C LEU E 152 24.60 15.99 -16.59
N LYS E 153 25.50 15.11 -17.05
CA LYS E 153 25.17 14.10 -18.07
C LYS E 153 24.16 13.05 -17.56
N CYS E 154 24.41 12.54 -16.36
CA CYS E 154 23.54 11.55 -15.70
C CYS E 154 22.18 12.12 -15.23
N TYR E 155 22.14 13.43 -14.97
CA TYR E 155 20.89 14.10 -14.61
C TYR E 155 19.98 14.23 -15.83
N GLN E 156 20.55 14.45 -17.00
CA GLN E 156 19.78 14.56 -18.26
C GLN E 156 19.42 13.21 -18.90
N ASP E 157 20.30 12.21 -18.74
CA ASP E 157 20.01 10.83 -19.15
C ASP E 157 18.98 10.17 -18.17
N PRO E 158 17.80 9.74 -18.68
CA PRO E 158 16.84 9.02 -17.83
C PRO E 158 17.23 7.57 -17.51
N GLY E 159 18.13 7.01 -18.30
CA GLY E 159 18.71 5.70 -18.04
C GLY E 159 19.75 5.69 -16.92
N CYS E 160 20.27 6.87 -16.57
CA CYS E 160 21.22 7.00 -15.48
C CYS E 160 20.51 7.49 -14.23
N CYS E 161 20.72 6.76 -13.13
CA CYS E 161 20.18 7.10 -11.82
C CYS E 161 21.27 6.96 -10.75
N ASP E 162 22.45 7.51 -11.04
CA ASP E 162 23.50 7.64 -10.02
C ASP E 162 23.09 8.74 -9.06
N PHE E 163 23.51 8.58 -7.81
CA PHE E 163 23.25 9.53 -6.76
C PHE E 163 24.56 10.27 -6.53
N VAL E 164 24.80 11.26 -7.38
CA VAL E 164 25.94 12.14 -7.27
C VAL E 164 25.43 13.43 -6.65
N THR E 165 25.96 13.74 -5.47
CA THR E 165 25.55 14.91 -4.70
C THR E 165 26.68 15.91 -4.62
N ASN E 166 26.33 17.14 -4.28
CA ASN E 166 27.35 18.17 -4.01
C ASN E 166 28.07 17.90 -2.67
N ARG E 167 28.97 18.80 -2.27
CA ARG E 167 29.68 18.68 -1.00
C ARG E 167 28.72 18.79 0.19
N ALA E 168 28.01 19.92 0.26
CA ALA E 168 27.13 20.29 1.38
C ALA E 168 26.10 19.22 1.72
N TYR E 169 25.38 18.74 0.71
CA TYR E 169 24.32 17.77 0.93
C TYR E 169 24.88 16.47 1.47
N ALA E 170 25.95 15.95 0.88
CA ALA E 170 26.51 14.67 1.33
C ALA E 170 27.06 14.74 2.75
N ILE E 171 27.55 15.91 3.16
CA ILE E 171 28.00 16.11 4.55
C ILE E 171 26.78 16.14 5.46
N ALA E 172 25.84 17.04 5.18
CA ALA E 172 24.61 17.21 6.00
C ALA E 172 23.75 15.93 6.08
N SER E 173 23.47 15.34 4.93
CA SER E 173 22.70 14.10 4.87
C SER E 173 23.36 12.96 5.62
N SER E 174 24.68 12.87 5.55
CA SER E 174 25.40 11.80 6.25
C SER E 174 25.39 12.02 7.75
N ILE E 175 25.64 13.26 8.18
CA ILE E 175 25.59 13.62 9.59
C ILE E 175 24.20 13.35 10.18
N ILE E 176 23.17 13.83 9.51
CA ILE E 176 21.80 13.69 10.00
C ILE E 176 21.31 12.23 9.97
N SER E 177 21.60 11.50 8.90
CA SER E 177 21.14 10.12 8.79
C SER E 177 21.96 9.10 9.56
N PHE E 178 23.25 9.38 9.81
CA PHE E 178 24.16 8.35 10.39
C PHE E 178 25.04 8.80 11.55
N TYR E 179 25.83 9.88 11.36
CA TYR E 179 26.89 10.23 12.31
C TYR E 179 26.39 10.75 13.66
N ILE E 180 25.47 11.72 13.67
CA ILE E 180 24.81 12.14 14.92
C ILE E 180 24.20 10.95 15.66
N PRO E 181 23.35 10.15 14.97
CA PRO E 181 22.86 8.92 15.60
C PRO E 181 23.93 7.96 16.13
N LEU E 182 25.02 7.78 15.39
CA LEU E 182 26.11 6.90 15.84
C LEU E 182 26.77 7.43 17.08
N LEU E 183 26.99 8.75 17.16
CA LEU E 183 27.58 9.32 18.37
C LEU E 183 26.64 9.17 19.56
N ILE E 184 25.37 9.53 19.39
CA ILE E 184 24.39 9.36 20.45
C ILE E 184 24.39 7.91 20.95
N MET E 185 24.21 6.98 20.02
CA MET E 185 24.21 5.56 20.37
C MET E 185 25.46 5.07 21.11
N ILE E 186 26.62 5.66 20.82
CA ILE E 186 27.84 5.34 21.57
C ILE E 186 27.74 5.93 22.97
N PHE E 187 27.58 7.25 23.04
CA PHE E 187 27.48 7.97 24.31
C PHE E 187 26.52 7.29 25.28
N VAL E 188 25.31 7.05 24.79
CA VAL E 188 24.22 6.52 25.59
C VAL E 188 24.52 5.11 26.08
N TYR E 189 24.81 4.19 25.16
CA TYR E 189 25.14 2.81 25.55
C TYR E 189 26.43 2.70 26.32
N LEU E 190 27.31 3.70 26.20
CA LEU E 190 28.48 3.74 27.05
C LEU E 190 28.09 4.04 28.50
N ARG E 191 27.19 5.00 28.72
CA ARG E 191 26.68 5.27 30.07
C ARG E 191 25.87 4.12 30.69
N VAL E 192 25.38 3.17 29.88
CA VAL E 192 24.83 1.90 30.42
C VAL E 192 25.95 1.01 30.92
N TYR E 193 27.00 0.84 30.13
CA TYR E 193 28.18 0.09 30.58
C TYR E 193 28.78 0.74 31.81
N ARG E 194 29.00 2.04 31.75
CA ARG E 194 29.60 2.77 32.87
C ARG E 194 28.77 2.65 34.15
N GLU E 195 27.44 2.72 34.03
CA GLU E 195 26.56 2.63 35.20
C GLU E 195 26.63 1.26 35.83
N ALA E 196 26.62 0.22 34.99
CA ALA E 196 26.66 -1.17 35.44
C ALA E 196 27.99 -1.55 36.07
N LYS E 197 29.09 -0.94 35.62
CA LYS E 197 30.40 -1.18 36.23
C LYS E 197 30.53 -0.48 37.58
N GLU E 198 30.07 0.78 37.67
CA GLU E 198 30.08 1.50 38.95
C GLU E 198 29.18 0.83 39.98
N GLN E 199 28.08 0.23 39.52
CA GLN E 199 27.19 -0.51 40.41
C GLN E 199 27.85 -1.76 40.98
N ILE E 200 28.65 -2.45 40.17
CA ILE E 200 29.41 -3.62 40.64
C ILE E 200 30.50 -3.23 41.64
N ARG E 201 31.05 -2.01 41.50
CA ARG E 201 31.98 -1.49 42.50
C ARG E 201 31.27 -1.30 43.85
N LYS E 202 30.07 -0.70 43.86
CA LYS E 202 29.31 -0.51 45.10
C LYS E 202 28.94 -1.83 45.80
N ILE E 203 28.84 -2.93 45.04
CA ILE E 203 28.59 -4.29 45.57
C ILE E 203 29.83 -4.89 46.25
N ASP E 204 31.02 -4.64 45.69
CA ASP E 204 32.27 -5.16 46.28
C ASP E 204 32.71 -4.34 47.50
N ARG E 205 32.48 -3.04 47.45
CA ARG E 205 32.64 -2.14 48.61
C ARG E 205 31.70 -2.51 49.77
N ALA E 206 30.50 -3.00 49.45
CA ALA E 206 29.55 -3.49 50.46
C ALA E 206 30.08 -4.72 51.19
N SER E 207 30.75 -5.61 50.46
CA SER E 207 31.49 -6.73 51.02
C SER E 207 32.92 -6.29 51.32
N MET E 215 32.29 -11.31 36.67
CA MET E 215 31.24 -11.34 35.65
C MET E 215 30.48 -12.66 35.63
N ALA E 216 29.22 -12.61 36.05
CA ALA E 216 28.33 -13.78 36.03
C ALA E 216 27.64 -13.94 34.67
N MET E 217 26.81 -14.97 34.54
CA MET E 217 26.05 -15.27 33.31
C MET E 217 25.35 -14.02 32.75
N LYS E 218 24.60 -13.32 33.61
CA LYS E 218 23.86 -12.11 33.23
C LYS E 218 24.75 -11.00 32.67
N GLU E 219 25.92 -10.81 33.26
CA GLU E 219 26.83 -9.73 32.86
C GLU E 219 27.54 -10.01 31.53
N HIS E 220 27.98 -11.25 31.29
CA HIS E 220 28.56 -11.62 29.98
C HIS E 220 27.54 -11.48 28.84
N LYS E 221 26.31 -11.92 29.11
CA LYS E 221 25.21 -11.87 28.15
C LYS E 221 24.82 -10.43 27.80
N ALA E 222 24.83 -9.54 28.81
CA ALA E 222 24.52 -8.11 28.60
C ALA E 222 25.59 -7.40 27.80
N LEU E 223 26.83 -7.84 27.96
CA LEU E 223 27.95 -7.28 27.22
C LEU E 223 27.94 -7.75 25.76
N LYS E 224 27.60 -9.03 25.56
CA LYS E 224 27.42 -9.59 24.22
C LYS E 224 26.32 -8.83 23.44
N THR E 225 25.20 -8.56 24.12
CA THR E 225 24.06 -7.84 23.53
C THR E 225 24.44 -6.44 23.09
N LEU E 226 25.06 -5.72 24.01
CA LEU E 226 25.56 -4.37 23.76
C LEU E 226 26.54 -4.33 22.57
N GLY E 227 27.34 -5.39 22.44
CA GLY E 227 28.25 -5.56 21.32
C GLY E 227 27.53 -5.79 20.00
N ILE E 228 26.57 -6.72 20.00
CA ILE E 228 25.76 -7.00 18.82
C ILE E 228 25.06 -5.75 18.31
N ILE E 229 24.46 -4.98 19.23
CA ILE E 229 23.71 -3.78 18.86
C ILE E 229 24.63 -2.79 18.13
N MET E 230 25.75 -2.45 18.77
CA MET E 230 26.71 -1.50 18.22
C MET E 230 27.54 -2.06 17.09
N GLY E 231 27.84 -3.35 17.13
CA GLY E 231 28.64 -4.02 16.10
C GLY E 231 27.93 -4.13 14.76
N VAL E 232 26.74 -4.73 14.78
CA VAL E 232 25.93 -4.94 13.58
C VAL E 232 25.58 -3.61 12.92
N PHE E 233 25.04 -2.67 13.69
CA PHE E 233 24.74 -1.34 13.17
C PHE E 233 25.96 -0.70 12.53
N THR E 234 27.11 -0.74 13.23
CA THR E 234 28.34 -0.09 12.76
C THR E 234 28.91 -0.79 11.54
N LEU E 235 29.07 -2.12 11.64
CA LEU E 235 29.46 -2.94 10.49
C LEU E 235 28.61 -2.58 9.27
N CYS E 236 27.29 -2.62 9.41
CA CYS E 236 26.39 -2.43 8.27
C CYS E 236 26.41 -1.05 7.58
N TRP E 237 26.52 0.01 8.37
CA TRP E 237 26.41 1.38 7.83
C TRP E 237 27.69 2.22 7.87
N LEU E 238 28.64 1.93 8.76
CA LEU E 238 29.87 2.74 8.81
C LEU E 238 30.71 2.73 7.52
N PRO E 239 30.86 1.55 6.87
CA PRO E 239 31.59 1.52 5.61
C PRO E 239 31.03 2.47 4.56
N PHE E 240 29.73 2.33 4.27
CA PHE E 240 29.06 3.17 3.28
C PHE E 240 29.18 4.66 3.60
N PHE E 241 28.94 5.02 4.87
CA PHE E 241 28.91 6.43 5.26
C PHE E 241 30.29 7.05 5.44
N LEU E 242 31.31 6.22 5.64
CA LEU E 242 32.70 6.68 5.55
C LEU E 242 33.00 7.06 4.08
N VAL E 243 32.77 6.08 3.22
CA VAL E 243 33.06 6.19 1.80
C VAL E 243 32.27 7.33 1.16
N ASN E 244 31.02 7.53 1.60
CA ASN E 244 30.19 8.64 1.08
C ASN E 244 30.84 10.00 1.36
N ILE E 245 31.49 10.17 2.50
CA ILE E 245 32.22 11.41 2.82
C ILE E 245 33.56 11.50 2.05
N VAL E 246 34.19 10.34 1.82
CA VAL E 246 35.43 10.27 1.05
C VAL E 246 35.22 10.80 -0.39
N ASN E 247 34.22 10.25 -1.08
CA ASN E 247 33.92 10.60 -2.48
C ASN E 247 33.59 12.08 -2.69
N VAL E 248 33.16 12.77 -1.64
CA VAL E 248 32.96 14.23 -1.67
C VAL E 248 34.27 15.02 -1.89
N PHE E 249 35.40 14.42 -1.53
CA PHE E 249 36.71 15.02 -1.79
C PHE E 249 37.42 14.40 -3.00
N ASN E 250 38.04 13.22 -2.87
CA ASN E 250 38.76 12.59 -3.99
C ASN E 250 38.00 11.37 -4.52
N ARG E 251 37.06 11.62 -5.45
CA ARG E 251 36.13 10.59 -5.94
C ARG E 251 36.78 9.41 -6.69
N ASP E 252 38.00 9.59 -7.21
CA ASP E 252 38.70 8.50 -7.91
C ASP E 252 39.23 7.46 -6.92
N LEU E 253 39.47 7.86 -5.67
CA LEU E 253 40.09 6.98 -4.66
C LEU E 253 39.35 5.65 -4.45
N VAL E 254 38.02 5.72 -4.26
CA VAL E 254 37.23 4.52 -3.95
C VAL E 254 36.41 4.10 -5.17
N PRO E 255 36.49 2.79 -5.56
CA PRO E 255 35.71 2.32 -6.71
C PRO E 255 34.19 2.43 -6.57
N ASP E 256 33.51 2.47 -7.71
CA ASP E 256 32.06 2.56 -7.76
C ASP E 256 31.38 1.26 -7.33
N TRP E 257 31.92 0.11 -7.75
CA TRP E 257 31.39 -1.20 -7.35
C TRP E 257 31.40 -1.40 -5.82
N LEU E 258 32.41 -0.86 -5.14
CA LEU E 258 32.55 -0.99 -3.68
C LEU E 258 31.59 -0.05 -2.94
N PHE E 259 31.49 1.18 -3.42
CA PHE E 259 30.52 2.13 -2.93
C PHE E 259 29.10 1.54 -2.91
N VAL E 260 28.73 0.87 -3.99
CA VAL E 260 27.43 0.19 -4.08
C VAL E 260 27.38 -1.03 -3.18
N ALA E 261 28.44 -1.85 -3.18
CA ALA E 261 28.50 -3.04 -2.33
C ALA E 261 28.21 -2.72 -0.86
N PHE E 262 28.77 -1.60 -0.37
CA PHE E 262 28.52 -1.12 0.99
C PHE E 262 27.11 -0.58 1.24
N ASN E 263 26.50 0.03 0.23
CA ASN E 263 25.08 0.43 0.31
C ASN E 263 24.18 -0.81 0.50
N TRP E 264 24.59 -1.95 -0.06
CA TRP E 264 23.84 -3.19 0.15
C TRP E 264 24.04 -3.76 1.55
N LEU E 265 25.25 -3.63 2.08
CA LEU E 265 25.49 -3.98 3.47
C LEU E 265 24.55 -3.20 4.42
N GLY E 266 24.38 -1.90 4.16
CA GLY E 266 23.45 -1.06 4.91
C GLY E 266 21.98 -1.49 4.82
N TYR E 267 21.54 -1.87 3.62
CA TYR E 267 20.19 -2.41 3.47
C TYR E 267 20.02 -3.68 4.30
N ALA E 268 21.07 -4.50 4.39
CA ALA E 268 21.02 -5.75 5.14
C ALA E 268 20.73 -5.56 6.64
N ASN E 269 21.20 -4.45 7.21
CA ASN E 269 20.85 -4.07 8.60
C ASN E 269 19.33 -4.21 8.83
N SER E 270 18.53 -3.74 7.88
CA SER E 270 17.08 -3.81 7.97
C SER E 270 16.50 -5.23 8.14
N ALA E 271 17.24 -6.26 7.72
CA ALA E 271 16.90 -7.66 8.02
C ALA E 271 17.40 -8.08 9.39
N MET E 272 18.50 -7.48 9.85
CA MET E 272 19.07 -7.74 11.17
C MET E 272 18.25 -7.17 12.34
N ASN E 273 17.65 -6.00 12.14
CA ASN E 273 16.96 -5.31 13.24
C ASN E 273 15.82 -6.11 13.89
N PRO E 274 14.99 -6.81 13.10
CA PRO E 274 14.02 -7.72 13.73
C PRO E 274 14.64 -8.74 14.69
N ILE E 275 15.80 -9.26 14.30
CA ILE E 275 16.50 -10.29 15.07
C ILE E 275 17.11 -9.70 16.34
N ILE E 276 17.66 -8.49 16.24
CA ILE E 276 18.31 -7.84 17.39
C ILE E 276 17.30 -7.34 18.43
N TYR E 277 16.27 -6.63 17.96
CA TYR E 277 15.41 -5.86 18.84
C TYR E 277 14.07 -6.52 19.23
N CYS E 278 13.83 -7.77 18.87
CA CYS E 278 12.56 -8.43 19.21
C CYS E 278 12.76 -9.83 19.79
N ARG E 279 13.61 -9.92 20.81
CA ARG E 279 13.93 -11.20 21.44
C ARG E 279 13.14 -11.51 22.72
N SER E 280 12.25 -10.60 23.12
CA SER E 280 11.58 -10.72 24.41
C SER E 280 10.75 -12.00 24.46
N PRO E 281 10.57 -12.58 25.66
CA PRO E 281 9.71 -13.76 25.81
C PRO E 281 8.34 -13.56 25.19
N ASP E 282 7.80 -12.36 25.33
CA ASP E 282 6.50 -12.02 24.74
C ASP E 282 6.52 -12.00 23.20
N PHE E 283 7.63 -11.56 22.59
CA PHE E 283 7.80 -11.65 21.13
C PHE E 283 7.89 -13.12 20.70
N ARG E 284 8.69 -13.90 21.41
CA ARG E 284 8.87 -15.33 21.09
C ARG E 284 7.54 -16.06 21.08
N LYS E 285 6.71 -15.79 22.09
CA LYS E 285 5.36 -16.37 22.16
C LYS E 285 4.46 -15.95 20.98
N ALA E 286 4.47 -14.66 20.67
CA ALA E 286 3.68 -14.15 19.55
C ALA E 286 4.13 -14.77 18.23
N PHE E 287 5.44 -14.84 17.99
CA PHE E 287 5.94 -15.40 16.73
C PHE E 287 5.46 -16.84 16.49
N LYS E 288 5.45 -17.65 17.54
CA LYS E 288 4.98 -19.03 17.42
C LYS E 288 3.46 -19.10 17.22
N ARG E 289 2.73 -18.21 17.90
CA ARG E 289 1.29 -18.09 17.68
C ARG E 289 0.96 -17.61 16.27
N LEU E 290 1.77 -16.69 15.75
CA LEU E 290 1.58 -16.18 14.38
C LEU E 290 1.92 -17.19 13.29
N LEU E 291 2.83 -18.12 13.58
CA LEU E 291 3.20 -19.16 12.62
C LEU E 291 2.56 -20.50 13.04
N ALA E 292 1.31 -20.48 13.47
CA ALA E 292 0.75 -21.62 14.22
C ALA E 292 0.33 -22.75 13.30
N PHE E 293 -0.70 -22.51 12.49
CA PHE E 293 -1.32 -23.56 11.66
C PHE E 293 -0.35 -24.01 10.53
N GLN F 2 19.81 -20.98 38.46
CA GLN F 2 18.39 -20.50 38.40
C GLN F 2 18.13 -19.44 39.49
N VAL F 3 17.37 -18.39 39.13
CA VAL F 3 16.95 -17.34 40.08
C VAL F 3 15.72 -17.77 40.85
N GLN F 4 15.73 -17.58 42.18
CA GLN F 4 14.52 -17.74 43.00
C GLN F 4 14.40 -16.68 44.10
N LEU F 5 13.16 -16.24 44.35
CA LEU F 5 12.85 -15.21 45.33
C LEU F 5 12.18 -15.77 46.58
N GLN F 6 12.83 -15.61 47.73
CA GLN F 6 12.39 -16.27 48.98
C GLN F 6 11.79 -15.25 49.94
N GLU F 7 10.48 -15.29 50.09
CA GLU F 7 9.73 -14.28 50.86
C GLU F 7 9.55 -14.70 52.30
N SER F 8 9.71 -13.75 53.22
CA SER F 8 9.44 -13.97 54.64
C SER F 8 9.01 -12.67 55.29
N GLY F 9 8.62 -12.75 56.56
CA GLY F 9 8.32 -11.59 57.39
C GLY F 9 6.85 -11.26 57.58
N GLY F 10 5.98 -11.88 56.78
CA GLY F 10 4.54 -11.64 56.85
C GLY F 10 3.86 -12.37 57.99
N GLY F 11 2.54 -12.40 57.94
CA GLY F 11 1.71 -13.15 58.90
C GLY F 11 0.56 -12.33 59.46
N LEU F 12 0.21 -12.58 60.73
CA LEU F 12 -0.89 -11.89 61.40
C LEU F 12 -0.37 -10.86 62.37
N VAL F 13 -1.08 -9.73 62.46
CA VAL F 13 -0.68 -8.65 63.33
C VAL F 13 -1.87 -7.73 63.64
N GLN F 14 -1.84 -7.12 64.82
CA GLN F 14 -2.89 -6.21 65.25
C GLN F 14 -2.79 -4.89 64.50
N ALA F 15 -3.93 -4.24 64.28
CA ALA F 15 -3.97 -2.92 63.66
C ALA F 15 -3.15 -1.90 64.47
N GLY F 16 -2.47 -1.00 63.75
CA GLY F 16 -1.53 -0.07 64.37
C GLY F 16 -0.15 -0.66 64.65
N GLY F 17 0.04 -1.94 64.30
CA GLY F 17 1.28 -2.64 64.56
C GLY F 17 2.30 -2.49 63.45
N SER F 18 3.22 -3.44 63.38
CA SER F 18 4.36 -3.37 62.49
C SER F 18 4.78 -4.76 61.98
N LEU F 19 5.26 -4.82 60.74
CA LEU F 19 5.88 -6.02 60.15
C LEU F 19 7.06 -5.61 59.30
N ARG F 20 7.93 -6.58 59.01
CA ARG F 20 9.10 -6.34 58.16
C ARG F 20 9.29 -7.49 57.19
N LEU F 21 8.75 -7.31 55.98
CA LEU F 21 8.90 -8.28 54.91
C LEU F 21 10.34 -8.28 54.44
N SER F 22 10.75 -9.40 53.88
CA SER F 22 12.10 -9.57 53.36
C SER F 22 12.09 -10.56 52.21
N CYS F 23 12.80 -10.23 51.13
CA CYS F 23 12.84 -11.09 49.95
C CYS F 23 14.26 -11.28 49.50
N ALA F 24 14.75 -12.51 49.60
CA ALA F 24 16.14 -12.84 49.27
C ALA F 24 16.24 -13.47 47.88
N ALA F 25 16.75 -12.71 46.92
CA ALA F 25 16.91 -13.20 45.56
C ALA F 25 18.22 -13.94 45.37
N SER F 26 18.14 -15.27 45.37
CA SER F 26 19.28 -16.15 45.10
C SER F 26 19.38 -16.39 43.61
N GLY F 27 20.60 -16.28 43.05
CA GLY F 27 20.85 -16.52 41.64
C GLY F 27 21.39 -15.28 40.96
N SER F 28 21.76 -15.44 39.69
CA SER F 28 22.39 -14.37 38.89
C SER F 28 21.39 -13.31 38.47
N ILE F 29 21.59 -12.09 38.99
CA ILE F 29 20.78 -10.94 38.61
C ILE F 29 21.73 -9.85 38.10
N PHE F 30 21.37 -9.23 36.98
CA PHE F 30 22.15 -8.15 36.40
C PHE F 30 22.21 -6.99 37.37
N ALA F 31 23.39 -6.37 37.46
CA ALA F 31 23.66 -5.27 38.38
C ALA F 31 22.60 -4.18 38.38
N LEU F 32 22.16 -3.81 37.18
CA LEU F 32 21.02 -2.89 37.01
C LEU F 32 19.68 -3.62 37.06
N ASN F 33 18.83 -3.22 38.00
CA ASN F 33 17.53 -3.85 38.23
C ASN F 33 16.64 -3.05 39.17
N ILE F 34 15.37 -3.48 39.26
CA ILE F 34 14.46 -3.01 40.30
C ILE F 34 13.96 -4.20 41.10
N MET F 35 14.17 -4.14 42.42
CA MET F 35 13.51 -5.05 43.37
C MET F 35 12.33 -4.30 43.97
N GLY F 36 11.19 -4.98 44.04
CA GLY F 36 9.95 -4.36 44.50
C GLY F 36 9.01 -5.28 45.25
N TRP F 37 7.95 -4.68 45.77
CA TRP F 37 6.89 -5.38 46.47
C TRP F 37 5.58 -4.95 45.88
N TYR F 38 4.77 -5.93 45.50
CA TYR F 38 3.41 -5.70 45.06
C TYR F 38 2.49 -6.44 46.02
N ARG F 39 1.20 -6.13 45.97
CA ARG F 39 0.21 -6.84 46.78
C ARG F 39 -1.11 -6.98 46.03
N GLN F 40 -1.91 -7.96 46.43
CA GLN F 40 -3.22 -8.22 45.83
C GLN F 40 -4.25 -8.57 46.88
N ALA F 41 -5.00 -7.56 47.32
CA ALA F 41 -6.11 -7.72 48.28
C ALA F 41 -7.22 -8.59 47.66
N PRO F 42 -8.07 -9.23 48.50
CA PRO F 42 -8.89 -10.33 47.97
C PRO F 42 -9.92 -9.84 46.96
N GLY F 43 -9.99 -10.50 45.81
CA GLY F 43 -10.86 -10.09 44.70
C GLY F 43 -10.59 -8.69 44.19
N LYS F 44 -9.31 -8.37 44.01
CA LYS F 44 -8.87 -7.08 43.44
C LYS F 44 -7.70 -7.34 42.51
N GLN F 45 -7.21 -6.29 41.86
CA GLN F 45 -6.06 -6.40 40.97
C GLN F 45 -4.79 -6.08 41.75
N ARG F 46 -3.70 -6.73 41.33
CA ARG F 46 -2.37 -6.56 41.91
C ARG F 46 -1.91 -5.12 41.71
N GLU F 47 -1.41 -4.50 42.78
CA GLU F 47 -0.90 -3.12 42.71
C GLU F 47 0.51 -3.04 43.26
N LEU F 48 1.22 -1.99 42.87
CA LEU F 48 2.53 -1.69 43.40
C LEU F 48 2.39 -1.12 44.81
N VAL F 49 3.26 -1.60 45.70
CA VAL F 49 3.40 -1.09 47.06
C VAL F 49 4.63 -0.19 47.10
N ALA F 50 5.78 -0.76 46.77
CA ALA F 50 7.06 -0.05 46.83
C ALA F 50 8.11 -0.74 45.99
N ALA F 51 9.09 0.05 45.53
CA ALA F 51 10.14 -0.45 44.66
C ALA F 51 11.39 0.40 44.77
N ILE F 52 12.53 -0.26 44.61
CA ILE F 52 13.83 0.38 44.73
C ILE F 52 14.79 -0.09 43.64
N HIS F 53 15.34 0.86 42.91
CA HIS F 53 16.31 0.59 41.85
C HIS F 53 17.66 0.19 42.44
N SER F 54 18.49 -0.49 41.66
CA SER F 54 19.89 -0.77 42.05
C SER F 54 20.65 0.51 42.41
N GLY F 55 20.36 1.58 41.67
CA GLY F 55 20.85 2.93 41.93
C GLY F 55 20.58 3.50 43.32
N GLY F 56 19.40 3.23 43.86
CA GLY F 56 19.01 3.74 45.20
C GLY F 56 17.74 4.57 45.20
N THR F 57 17.28 4.97 44.02
CA THR F 57 15.99 5.66 43.86
C THR F 57 14.83 4.75 44.29
N THR F 58 13.77 5.34 44.81
CA THR F 58 12.60 4.59 45.28
C THR F 58 11.33 5.07 44.61
N ASN F 59 10.24 4.34 44.84
CA ASN F 59 8.93 4.71 44.30
C ASN F 59 7.87 3.97 45.11
N TYR F 60 6.96 4.74 45.71
CA TYR F 60 5.90 4.19 46.59
C TYR F 60 4.51 4.41 46.00
N ALA F 61 3.54 3.63 46.49
CA ALA F 61 2.13 3.93 46.25
C ALA F 61 1.71 5.05 47.18
N ASN F 62 0.55 5.64 46.90
CA ASN F 62 0.00 6.71 47.74
C ASN F 62 -0.48 6.14 49.08
N SER F 63 -1.34 5.13 49.00
CA SER F 63 -1.92 4.49 50.18
C SER F 63 -0.90 4.23 51.31
N VAL F 64 0.32 3.79 50.95
CA VAL F 64 1.35 3.42 51.94
C VAL F 64 2.46 4.46 52.16
N LYS F 65 2.39 5.60 51.49
CA LYS F 65 3.47 6.59 51.55
C LYS F 65 3.64 7.09 52.99
N GLY F 66 4.89 7.21 53.44
CA GLY F 66 5.19 7.63 54.81
C GLY F 66 5.16 6.51 55.84
N ARG F 67 4.28 5.53 55.66
CA ARG F 67 4.13 4.43 56.61
C ARG F 67 5.13 3.31 56.35
N PHE F 68 5.15 2.84 55.10
CA PHE F 68 6.05 1.76 54.66
C PHE F 68 7.36 2.36 54.16
N THR F 69 8.49 1.72 54.42
CA THR F 69 9.76 2.12 53.77
C THR F 69 10.58 0.90 53.24
N ILE F 70 10.97 1.00 51.97
CA ILE F 70 11.69 -0.06 51.25
C ILE F 70 13.19 0.24 51.24
N SER F 71 13.98 -0.79 51.43
CA SER F 71 15.42 -0.64 51.46
C SER F 71 15.98 -1.91 50.94
N ARG F 72 17.26 -1.88 50.55
CA ARG F 72 17.88 -3.10 50.07
C ARG F 72 19.27 -3.27 50.62
N ASP F 73 19.65 -4.54 50.76
CA ASP F 73 20.97 -4.92 51.21
C ASP F 73 21.96 -4.52 50.13
N ASN F 74 22.92 -3.69 50.50
CA ASN F 74 24.06 -3.33 49.63
C ASN F 74 24.88 -4.55 49.14
N ALA F 75 25.13 -5.51 50.05
CA ALA F 75 25.87 -6.74 49.72
C ALA F 75 25.04 -7.67 48.83
N ALA F 76 24.07 -8.38 49.41
CA ALA F 76 23.28 -9.39 48.67
C ALA F 76 22.10 -8.79 47.89
N ASN F 77 21.46 -9.62 47.07
CA ASN F 77 20.22 -9.25 46.40
C ASN F 77 19.08 -9.59 47.32
N THR F 78 18.81 -8.67 48.26
CA THR F 78 17.75 -8.85 49.26
C THR F 78 17.08 -7.51 49.54
N VAL F 79 15.76 -7.52 49.59
CA VAL F 79 14.97 -6.29 49.71
C VAL F 79 13.99 -6.40 50.88
N TYR F 80 13.94 -5.35 51.68
CA TYR F 80 13.17 -5.29 52.91
C TYR F 80 12.09 -4.23 52.80
N LEU F 81 10.86 -4.59 53.15
CA LEU F 81 9.77 -3.62 53.28
C LEU F 81 9.33 -3.50 54.74
N GLN F 82 9.71 -2.40 55.37
CA GLN F 82 9.36 -2.13 56.77
C GLN F 82 7.98 -1.52 56.84
N MET F 83 6.97 -2.30 57.24
CA MET F 83 5.58 -1.84 57.26
C MET F 83 5.15 -1.43 58.67
N ASN F 84 4.96 -0.12 58.89
CA ASN F 84 4.48 0.43 60.17
C ASN F 84 3.06 0.99 60.01
N SER F 85 2.37 1.15 61.13
CA SER F 85 1.00 1.73 61.18
C SER F 85 -0.01 0.96 60.31
N LEU F 86 0.05 -0.36 60.41
CA LEU F 86 -0.78 -1.21 59.56
C LEU F 86 -2.29 -1.01 59.81
N LYS F 87 -3.07 -1.14 58.75
CA LYS F 87 -4.53 -1.05 58.82
C LYS F 87 -5.14 -2.27 58.17
N PRO F 88 -6.41 -2.59 58.48
CA PRO F 88 -7.06 -3.72 57.79
C PRO F 88 -7.01 -3.65 56.26
N GLU F 89 -7.01 -2.44 55.71
CA GLU F 89 -6.92 -2.23 54.26
C GLU F 89 -5.66 -2.84 53.65
N ASP F 90 -4.56 -2.81 54.41
CA ASP F 90 -3.28 -3.36 53.95
C ASP F 90 -3.25 -4.89 53.79
N THR F 91 -4.27 -5.58 54.30
CA THR F 91 -4.36 -7.03 54.22
C THR F 91 -4.40 -7.53 52.78
N ALA F 92 -3.42 -8.36 52.43
CA ALA F 92 -3.28 -8.91 51.09
C ALA F 92 -2.18 -9.98 51.04
N VAL F 93 -2.10 -10.65 49.90
CA VAL F 93 -0.95 -11.48 49.55
C VAL F 93 0.09 -10.56 48.95
N TYR F 94 1.26 -10.47 49.58
CA TYR F 94 2.35 -9.60 49.11
C TYR F 94 3.34 -10.41 48.27
N TYR F 95 3.65 -9.89 47.07
CA TYR F 95 4.56 -10.55 46.13
C TYR F 95 5.85 -9.76 45.92
N CYS F 96 6.98 -10.44 46.06
CA CYS F 96 8.28 -9.86 45.76
C CYS F 96 8.45 -9.90 44.26
N ASN F 97 9.12 -8.88 43.70
CA ASN F 97 9.36 -8.82 42.25
C ASN F 97 10.76 -8.30 41.94
N VAL F 98 11.39 -8.90 40.92
CA VAL F 98 12.65 -8.41 40.38
C VAL F 98 12.48 -8.19 38.88
N LYS F 99 12.66 -6.93 38.47
CA LYS F 99 12.80 -6.53 37.06
C LYS F 99 14.29 -6.56 36.74
N ASP F 100 14.71 -7.50 35.89
CA ASP F 100 16.13 -7.62 35.48
C ASP F 100 16.37 -6.96 34.11
N PHE F 101 17.35 -6.05 34.03
CA PHE F 101 17.62 -5.30 32.80
C PHE F 101 18.78 -5.84 31.93
N GLY F 102 19.21 -7.08 32.18
CA GLY F 102 20.38 -7.66 31.50
C GLY F 102 20.28 -7.88 30.00
N ALA F 103 19.07 -7.83 29.45
CA ALA F 103 18.86 -7.90 27.99
C ALA F 103 18.90 -6.54 27.30
N ILE F 104 18.82 -5.46 28.08
CA ILE F 104 18.90 -4.06 27.58
C ILE F 104 17.62 -3.57 26.89
N ILE F 105 17.15 -4.30 25.90
CA ILE F 105 16.00 -3.86 25.08
C ILE F 105 14.69 -4.17 25.78
N TYR F 106 14.68 -5.28 26.52
CA TYR F 106 13.53 -5.69 27.33
C TYR F 106 13.97 -6.04 28.74
N ASP F 107 12.97 -6.11 29.61
CA ASP F 107 13.21 -6.48 30.99
C ASP F 107 12.65 -7.89 31.22
N TYR F 108 13.33 -8.67 32.06
CA TYR F 108 12.84 -9.98 32.47
C TYR F 108 12.25 -9.84 33.87
N ASP F 109 11.12 -10.50 34.11
CA ASP F 109 10.43 -10.44 35.40
C ASP F 109 10.55 -11.74 36.18
N TYR F 110 10.81 -11.60 37.48
CA TYR F 110 10.78 -12.72 38.42
C TYR F 110 9.78 -12.37 39.50
N TRP F 111 8.83 -13.28 39.76
CA TRP F 111 7.89 -13.11 40.88
C TRP F 111 8.11 -14.17 41.93
N GLY F 112 7.89 -13.78 43.19
CA GLY F 112 7.84 -14.74 44.30
C GLY F 112 6.48 -15.41 44.38
N GLN F 113 6.44 -16.53 45.11
CA GLN F 113 5.20 -17.29 45.34
C GLN F 113 4.10 -16.46 46.03
N GLY F 114 4.52 -15.57 46.91
CA GLY F 114 3.63 -14.72 47.67
C GLY F 114 3.70 -15.09 49.14
N THR F 115 3.29 -14.15 49.99
CA THR F 115 3.23 -14.38 51.44
C THR F 115 2.05 -13.59 52.04
N GLN F 116 1.24 -14.25 52.87
CA GLN F 116 0.02 -13.63 53.40
C GLN F 116 0.38 -12.62 54.45
N VAL F 117 -0.31 -11.50 54.40
CA VAL F 117 -0.30 -10.53 55.47
C VAL F 117 -1.76 -10.30 55.79
N THR F 118 -2.11 -10.43 57.07
CA THR F 118 -3.47 -10.21 57.54
C THR F 118 -3.43 -9.31 58.76
N VAL F 119 -4.05 -8.14 58.64
CA VAL F 119 -4.09 -7.14 59.68
C VAL F 119 -5.52 -7.11 60.21
N SER F 120 -5.72 -7.57 61.44
CA SER F 120 -7.04 -7.54 62.10
C SER F 120 -7.12 -6.29 62.98
N SER F 121 -8.35 -5.80 63.17
CA SER F 121 -8.60 -4.49 63.80
C SER F 121 -8.39 -4.53 65.31
C9 2CV G . 4.80 -9.26 -2.02
C12 2CV G . 4.65 -8.24 -0.90
C15 2CV G . 3.96 -8.87 0.32
C18 2CV G . 3.88 -7.95 1.54
C21 2CV G . 2.43 -7.54 1.82
C24 2CV G . 2.37 -6.30 2.69
C27 2CV G . 2.69 -6.68 4.13
C30 2CV G . 1.39 -6.85 4.88
N33 2CV G . 0.97 -5.98 5.83
O34 2CV G . 0.74 -7.82 4.52
C35 2CV G . 1.74 -4.86 6.37
C36 2CV G . -0.42 -6.05 6.36
C37 2CV G . -0.67 -7.11 7.44
C40 2CV G . -0.27 -6.70 8.85
C41 2CV G . -1.06 -7.48 9.89
C42 2CV G . -1.04 -6.86 11.29
C43 2CV G . -1.92 -7.62 12.29
O44 2CV G . -1.18 -8.21 13.38
O47 2CV G . 0.01 -8.33 7.13
O49 2CV G . -0.43 -5.29 9.07
O51 2CV G . -0.48 -8.78 9.94
O53 2CV G . -1.52 -5.51 11.19
C60 2CV G . 2.56 -5.37 7.55
O63 2CV G . 2.05 -4.78 8.76
C1 2CV G . 4.67 -8.67 -3.41
C0 2CV G . 4.59 -9.77 -4.44
C9 2CV H . -9.24 -15.97 -7.95
C12 2CV H . -9.12 -15.37 -9.35
C15 2CV H . -7.69 -15.37 -9.87
C18 2CV H . -7.69 -14.70 -11.24
C21 2CV H . -6.32 -14.59 -11.87
C24 2CV H . -6.44 -13.69 -13.08
C27 2CV H . -5.28 -13.89 -14.03
C30 2CV H . -5.44 -13.04 -15.29
N33 2CV H . -4.43 -13.01 -16.23
O34 2CV H . -6.50 -12.40 -15.41
C35 2CV H . -4.44 -12.11 -17.40
C36 2CV H . -3.22 -13.89 -16.19
C37 2CV H . -2.21 -13.43 -15.14
C60 2CV H . -4.96 -12.84 -18.64
C1 2CV H . -10.68 -15.92 -7.44
C0 2CV H . -10.78 -16.51 -6.04
C9 2CV I . -15.34 17.58 -13.53
C12 2CV I . -15.28 16.87 -12.18
C15 2CV I . -13.84 16.74 -11.68
C18 2CV I . -13.76 16.53 -10.16
C21 2CV I . -14.40 15.22 -9.72
C24 2CV I . -14.30 15.02 -8.20
C27 2CV I . -13.50 13.79 -7.86
C30 2CV I . -13.31 13.67 -6.35
N33 2CV I . -12.11 13.78 -5.69
O34 2CV I . -14.34 13.47 -5.74
C35 2CV I . -10.82 13.84 -6.38
C36 2CV I . -12.05 13.93 -4.21
C37 2CV I . -11.23 12.88 -3.41
C40 2CV I . -11.30 13.12 -1.88
C41 2CV I . -10.91 14.52 -1.42
O47 2CV I . -9.85 12.82 -3.80
O49 2CV I . -10.43 12.25 -1.16
C60 2CV I . -10.49 15.33 -6.56
O63 2CV I . -11.41 15.93 -7.47
C1 2CV I . -16.52 17.07 -14.36
C0 2CV I . -16.76 17.86 -15.63
O2 68H J . -9.93 -4.54 6.50
C2 68H J . -10.53 -3.53 5.68
C12 68H J . -11.17 -4.08 4.43
C11 68H J . -10.37 -4.34 3.21
O1 68H J . -9.03 -4.10 3.19
C10 68H J . -11.02 -4.84 2.07
C9 68H J . -12.39 -5.09 2.09
C13 68H J . -12.54 -4.34 4.39
C8 68H J . -13.16 -4.84 3.23
C1 68H J . -14.62 -5.09 3.28
O3 68H J . -15.24 -5.29 2.01
C3 68H J . -14.85 -6.30 4.19
N1 68H J . -16.22 -6.75 4.16
C4 68H J . -16.77 -7.59 5.22
C7 68H J . -18.21 -7.97 4.81
C6 68H J . -15.94 -8.89 5.36
C5 68H J . -16.79 -6.79 6.54
NA NA K . -17.19 -16.83 14.49
C9 2CV L . -0.37 -0.67 -6.47
C12 2CV L . -0.03 -1.49 -7.73
C15 2CV L . 1.40 -1.25 -8.24
C18 2CV L . 2.00 -2.43 -9.02
C21 2CV L . 3.52 -2.54 -8.84
C24 2CV L . 4.15 -3.63 -9.71
C27 2CV L . 5.61 -3.32 -10.08
C30 2CV L . 6.16 -4.20 -11.21
N33 2CV L . 7.18 -3.77 -12.04
O34 2CV L . 5.64 -5.30 -11.36
C35 2CV L . 7.83 -2.44 -11.88
C36 2CV L . 7.67 -4.59 -13.19
C37 2CV L . 9.21 -4.80 -13.28
C40 2CV L . 9.64 -5.68 -14.48
C41 2CV L . 9.35 -7.21 -14.32
C42 2CV L . 10.04 -8.17 -15.30
C43 2CV L . 11.04 -9.11 -14.61
O44 2CV L . 12.23 -9.31 -15.40
O47 2CV L . 9.76 -5.29 -12.04
O49 2CV L . 11.02 -5.43 -14.73
O51 2CV L . 7.96 -7.39 -14.56
O53 2CV L . 10.64 -7.44 -16.38
C60 2CV L . 7.03 -1.42 -12.69
O63 2CV L . 7.29 -0.10 -12.20
C1 2CV L . -0.16 -1.51 -5.20
C0 2CV L . -0.60 -0.78 -3.94
C9 2CV M . 4.48 1.16 1.66
C12 2CV M . 3.37 0.41 2.39
C15 2CV M . 3.69 0.12 3.87
C18 2CV M . 3.51 1.37 4.73
C21 2CV M . 2.08 1.60 5.20
C24 2CV M . 1.66 0.60 6.26
C27 2CV M . 2.61 0.62 7.45
C30 2CV M . 1.82 0.42 8.72
N33 2CV M . 1.15 1.45 9.30
O34 2CV M . 1.83 -0.72 9.15
C35 2CV M . 0.99 2.77 8.66
C36 2CV M . 0.47 1.51 10.62
C37 2CV M . 0.41 0.31 11.56
C40 2CV M . 0.34 0.83 13.00
C41 2CV M . 0.25 -0.21 14.13
C42 2CV M . 0.56 0.32 15.55
C43 2CV M . 1.11 -0.70 16.57
O44 2CV M . 2.04 -0.11 17.50
O47 2CV M . 1.57 -0.50 11.42
O49 2CV M . -0.77 1.71 13.06
O51 2CV M . 1.15 -1.27 13.78
O53 2CV M . -0.63 0.85 16.13
C60 2CV M . 1.89 3.79 9.39
O63 2CV M . 1.15 4.57 10.36
C1 2CV M . 4.08 1.68 0.28
C0 2CV M . 4.70 3.03 -0.06
C9 2CV N . 33.19 4.54 16.52
C12 2CV N . 33.28 3.26 17.36
C15 2CV N . 32.18 2.25 17.04
C18 2CV N . 32.14 1.15 18.10
C21 2CV N . 31.97 -0.24 17.49
C24 2CV N . 32.56 -1.33 18.37
C27 2CV N . 31.45 -2.28 18.81
C30 2CV N . 32.06 -3.36 19.68
N33 2CV N . 32.34 -3.15 20.99
O34 2CV N . 32.30 -4.42 19.13
C35 2CV N . 31.98 -1.92 21.74
C36 2CV N . 33.08 -4.15 21.76
C37 2CV N . 32.18 -5.31 22.21
C40 2CV N . 32.92 -6.30 23.12
C41 2CV N . 31.98 -7.42 23.62
C42 2CV N . 32.45 -8.16 24.88
C43 2CV N . 33.87 -8.74 24.82
O44 2CV N . 33.95 -9.90 23.98
O47 2CV N . 31.66 -6.04 21.10
O49 2CV N . 33.49 -5.61 24.24
O51 2CV N . 31.77 -8.33 22.53
O53 2CV N . 31.54 -9.24 25.16
C60 2CV N . 30.70 -2.17 22.51
O63 2CV N . 30.97 -2.11 23.92
C1 2CV N . 33.90 4.46 15.17
C0 2CV N . 34.39 5.83 14.73
C9 2CV O . 6.24 5.06 4.46
C12 2CV O . 5.02 5.69 5.13
C15 2CV O . 5.38 6.42 6.42
C18 2CV O . 4.44 6.03 7.53
C21 2CV O . 4.86 6.72 8.81
C24 2CV O . 5.23 5.70 9.87
C27 2CV O . 5.16 6.36 11.23
C30 2CV O . 3.74 6.19 11.73
N33 2CV O . 3.43 5.31 12.70
O34 2CV O . 2.90 6.88 11.20
C35 2CV O . 4.34 4.23 13.12
C36 2CV O . 2.12 5.44 13.36
C37 2CV O . 2.28 5.40 14.88
C40 2CV O . 0.98 5.71 15.64
C41 2CV O . 0.32 4.43 16.18
C42 2CV O . -1.09 4.71 16.75
C43 2CV O . -1.51 3.89 17.99
O44 2CV O . -1.14 2.51 17.97
O47 2CV O . 3.34 6.29 15.25
O49 2CV O . 0.06 6.39 14.80
O51 2CV O . 1.17 3.89 17.18
O53 2CV O . -2.06 4.52 15.71
C60 2CV O . 3.62 2.91 13.39
O63 2CV O . 3.50 2.67 14.81
C1 2CV O . 7.13 6.12 3.81
C0 2CV O . 6.61 6.62 2.46
O2 68H P . 23.12 11.26 1.15
C2 68H P . 23.65 10.18 1.90
C12 68H P . 22.63 9.08 2.12
C11 68H P . 21.61 9.17 3.21
O1 68H P . 21.56 10.25 4.04
C10 68H P . 20.71 8.12 3.37
C9 68H P . 20.75 7.00 2.52
C13 68H P . 22.63 7.94 1.31
C8 68H P . 21.71 6.90 1.50
C1 68H P . 21.78 5.72 0.59
O3 68H P . 21.03 4.58 1.03
C3 68H P . 21.29 6.18 -0.80
N1 68H P . 21.13 5.05 -1.70
C4 68H P . 21.06 5.23 -3.15
C7 68H P . 20.78 3.85 -3.78
C6 68H P . 19.93 6.19 -3.54
C5 68H P . 22.42 5.73 -3.63
NA NA Q . 18.71 10.66 -14.55
#